data_1KDG
#
_entry.id   1KDG
#
_cell.length_a   185.075
_cell.length_b   185.075
_cell.length_c   81.034
_cell.angle_alpha   90.00
_cell.angle_beta   90.00
_cell.angle_gamma   120.00
#
_symmetry.space_group_name_H-M   'H 3'
#
loop_
_entity.id
_entity.type
_entity.pdbx_description
1 polymer 'cellobiose dehydrogenase'
2 non-polymer 2-acetamido-2-deoxy-beta-D-glucopyranose
3 non-polymer alpha-D-mannopyranose
4 non-polymer 'MERCURY (II) ION'
5 non-polymer '6-HYDROXY-FLAVIN-ADENINE DINUCLEOTIDE'
6 non-polymer '2-(ETHYLMERCURI-THIO)-BENZOIC ACID'
7 non-polymer 'UNKNOWN ATOM OR ION'
8 water water
#
_entity_poly.entity_id   1
_entity_poly.type   'polypeptide(L)'
_entity_poly.pdbx_seq_one_letter_code
;PTVSATPYDYIIVGAGPGGIIAADRLSEAGKKVLLLERGGPSTKQTGGTYVAPWATSSGLTKFDIPGLFESLFTDSNPFW
WCKDITVFAGCLVGGGTSVNGALYWYPNDGDFSSSVGWPSSWTNHAPYTSKLSSRLPSTDHPSTDGQRYLEQSFNVVSQL
LKGQGYNQATINDNPNYKDHVFGYSAFDFLNGKRAGPVATYLQTALARPNFTFKTNVMVSNVVRNGSQILGVQTNDPTLG
PNGFIPVTPKGRVILSAGAFGTSRILFQSGIGPTDMIQTVQSNPTAAAALPPQNQWINLPVGMNAQDNPSINLVFTHPSI
DAYENWADVWSNPRPADAAQYLANQSGVFAGASPKLNFWRAYSGSDGFTRYAQGTVRPGAASVNSSLPYNASQIFTITVY
LSTGIQSRGRIGIDAALRGTVLTPPWLVNPVDKTVLLQALHDVVSNIGSIPGLTMITPDVTQTLEEYVDAYDPATMNSNH
WVSSTTIGSSPQSAVVDSNVKVFGTNNLFIVDAGIIPHLPTGNPQGTLMSAAEQAAAKILALAGGP
;
_entity_poly.pdbx_strand_id   A,B
#
loop_
_chem_comp.id
_chem_comp.type
_chem_comp.name
_chem_comp.formula
6FA non-polymer '6-HYDROXY-FLAVIN-ADENINE DINUCLEOTIDE' 'C27 H33 N9 O16 P2'
EMT non-polymer '2-(ETHYLMERCURI-THIO)-BENZOIC ACID' 'C9 H10 Hg O2 S'
HG non-polymer 'MERCURY (II) ION' 'Hg 2'
MAN D-saccharide, alpha linking alpha-D-mannopyranose 'C6 H12 O6'
NAG D-saccharide, beta linking 2-acetamido-2-deoxy-beta-D-glucopyranose 'C8 H15 N O6'
UNX non-polymer 'UNKNOWN ATOM OR ION' ?
#
# COMPACT_ATOMS: atom_id res chain seq x y z
N THR A 6 -6.46 -9.62 -32.08
CA THR A 6 -6.32 -11.11 -32.23
C THR A 6 -7.28 -11.77 -31.23
N PRO A 7 -8.12 -12.67 -31.71
CA PRO A 7 -8.97 -13.43 -30.79
C PRO A 7 -8.31 -14.69 -30.29
N TYR A 8 -8.65 -15.07 -29.05
CA TYR A 8 -8.11 -16.27 -28.47
C TYR A 8 -9.16 -17.25 -28.04
N ASP A 9 -8.84 -18.53 -28.04
CA ASP A 9 -9.75 -19.53 -27.53
C ASP A 9 -9.94 -19.41 -26.02
N TYR A 10 -8.85 -19.10 -25.28
CA TYR A 10 -8.93 -18.85 -23.84
C TYR A 10 -8.16 -17.63 -23.54
N ILE A 11 -8.73 -16.73 -22.76
CA ILE A 11 -7.99 -15.64 -22.21
C ILE A 11 -8.00 -15.92 -20.72
N ILE A 12 -6.84 -16.02 -20.13
CA ILE A 12 -6.67 -16.33 -18.75
C ILE A 12 -6.05 -15.12 -18.05
N VAL A 13 -6.75 -14.64 -17.04
CA VAL A 13 -6.41 -13.44 -16.35
C VAL A 13 -5.77 -13.71 -15.01
N GLY A 14 -4.47 -13.58 -14.98
CA GLY A 14 -3.68 -13.73 -13.78
C GLY A 14 -2.71 -14.89 -13.81
N ALA A 15 -1.41 -14.60 -13.73
CA ALA A 15 -0.39 -15.64 -13.78
C ALA A 15 0.06 -16.08 -12.40
N GLY A 16 -0.93 -16.45 -11.59
CA GLY A 16 -0.70 -17.12 -10.35
C GLY A 16 -0.76 -18.61 -10.60
N PRO A 17 -0.77 -19.40 -9.54
CA PRO A 17 -0.75 -20.86 -9.75
C PRO A 17 -1.94 -21.32 -10.54
N GLY A 18 -3.14 -20.80 -10.21
CA GLY A 18 -4.31 -21.24 -10.95
C GLY A 18 -4.23 -20.94 -12.43
N GLY A 19 -3.85 -19.72 -12.76
CA GLY A 19 -3.82 -19.28 -14.12
C GLY A 19 -2.74 -20.00 -14.91
N ILE A 20 -1.57 -20.12 -14.32
CA ILE A 20 -0.46 -20.75 -15.01
C ILE A 20 -0.79 -22.19 -15.30
N ILE A 21 -1.36 -22.91 -14.33
CA ILE A 21 -1.66 -24.32 -14.54
C ILE A 21 -2.74 -24.41 -15.61
N ALA A 22 -3.79 -23.61 -15.52
CA ALA A 22 -4.79 -23.62 -16.56
C ALA A 22 -4.17 -23.33 -17.93
N ALA A 23 -3.31 -22.33 -18.01
CA ALA A 23 -2.68 -21.97 -19.28
C ALA A 23 -1.89 -23.13 -19.87
N ASP A 24 -1.18 -23.82 -19.01
CA ASP A 24 -0.31 -24.90 -19.49
C ASP A 24 -1.20 -26.03 -20.02
N ARG A 25 -2.16 -26.44 -19.24
CA ARG A 25 -2.95 -27.58 -19.63
C ARG A 25 -3.82 -27.27 -20.86
N LEU A 26 -4.37 -26.06 -20.97
CA LEU A 26 -5.23 -25.73 -22.10
C LEU A 26 -4.39 -25.58 -23.37
N SER A 27 -3.22 -24.98 -23.25
CA SER A 27 -2.32 -24.90 -24.42
C SER A 27 -1.81 -26.28 -24.82
N GLU A 28 -1.62 -27.19 -23.90
CA GLU A 28 -1.14 -28.54 -24.19
C GLU A 28 -2.18 -29.24 -25.06
N ALA A 29 -3.43 -28.89 -24.82
CA ALA A 29 -4.52 -29.49 -25.57
C ALA A 29 -4.67 -28.87 -26.96
N GLY A 30 -3.78 -27.93 -27.31
CA GLY A 30 -3.76 -27.29 -28.62
C GLY A 30 -4.61 -26.07 -28.83
N LYS A 31 -5.17 -25.52 -27.76
CA LYS A 31 -6.01 -24.36 -27.87
C LYS A 31 -5.20 -23.03 -27.95
N LYS A 32 -5.72 -21.97 -28.54
CA LYS A 32 -5.00 -20.73 -28.65
C LYS A 32 -5.26 -19.97 -27.32
N VAL A 33 -4.22 -19.90 -26.51
CA VAL A 33 -4.33 -19.39 -25.13
C VAL A 33 -3.54 -18.09 -24.95
N LEU A 34 -4.17 -17.11 -24.30
CA LEU A 34 -3.47 -15.90 -23.93
C LEU A 34 -3.48 -15.87 -22.39
N LEU A 35 -2.33 -15.67 -21.77
CA LEU A 35 -2.27 -15.48 -20.32
C LEU A 35 -1.83 -14.07 -20.06
N LEU A 36 -2.58 -13.34 -19.24
CA LEU A 36 -2.30 -11.97 -18.93
C LEU A 36 -1.88 -11.85 -17.47
N GLU A 37 -0.95 -10.96 -17.20
CA GLU A 37 -0.50 -10.73 -15.84
C GLU A 37 -0.28 -9.22 -15.66
N ARG A 38 -0.83 -8.65 -14.59
CA ARG A 38 -0.71 -7.22 -14.37
C ARG A 38 0.68 -6.79 -13.92
N GLY A 39 1.36 -7.67 -13.24
CA GLY A 39 2.68 -7.34 -12.70
C GLY A 39 3.77 -7.65 -13.69
N GLY A 40 5.01 -7.54 -13.23
CA GLY A 40 6.17 -7.81 -14.04
C GLY A 40 6.90 -9.05 -13.67
N PRO A 41 8.08 -9.26 -14.24
CA PRO A 41 8.89 -10.42 -13.93
C PRO A 41 9.18 -10.62 -12.48
N SER A 42 9.47 -11.86 -12.16
CA SER A 42 9.79 -12.27 -10.81
C SER A 42 11.17 -12.91 -10.78
N THR A 43 11.26 -14.20 -10.96
CA THR A 43 12.48 -14.94 -10.92
C THR A 43 13.31 -14.70 -12.20
N LYS A 44 14.56 -15.06 -12.08
CA LYS A 44 15.55 -14.90 -13.15
C LYS A 44 15.02 -15.36 -14.51
N GLN A 45 14.44 -16.55 -14.51
CA GLN A 45 13.99 -17.12 -15.79
C GLN A 45 12.87 -16.34 -16.44
N THR A 46 12.14 -15.55 -15.67
CA THR A 46 11.06 -14.72 -16.18
C THR A 46 11.53 -13.34 -16.60
N GLY A 47 12.83 -13.09 -16.43
CA GLY A 47 13.42 -11.81 -16.77
C GLY A 47 13.64 -10.90 -15.58
N GLY A 48 13.44 -11.46 -14.40
CA GLY A 48 13.62 -10.65 -13.22
C GLY A 48 15.10 -10.36 -12.92
N THR A 49 15.36 -9.16 -12.39
CA THR A 49 16.71 -8.69 -12.13
C THR A 49 16.92 -8.13 -10.69
N TYR A 50 15.99 -8.42 -9.79
CA TYR A 50 16.12 -7.84 -8.43
C TYR A 50 16.93 -8.82 -7.59
N VAL A 51 18.25 -8.69 -7.69
CA VAL A 51 19.20 -9.65 -7.14
C VAL A 51 20.01 -9.05 -5.97
N ALA A 52 20.11 -9.79 -4.90
CA ALA A 52 20.88 -9.30 -3.74
C ALA A 52 22.31 -9.07 -4.18
N PRO A 53 22.97 -8.10 -3.57
CA PRO A 53 24.36 -7.87 -3.90
C PRO A 53 25.21 -9.13 -3.83
N TRP A 54 25.10 -9.91 -2.77
CA TRP A 54 25.92 -11.09 -2.67
C TRP A 54 25.64 -12.10 -3.73
N ALA A 55 24.41 -12.09 -4.28
CA ALA A 55 24.00 -13.12 -5.22
C ALA A 55 24.23 -12.77 -6.67
N THR A 56 24.77 -11.58 -6.92
CA THR A 56 24.90 -11.02 -8.26
C THR A 56 25.36 -12.00 -9.32
N SER A 57 26.43 -12.76 -9.07
CA SER A 57 26.99 -13.57 -10.16
C SER A 57 26.04 -14.68 -10.62
N SER A 58 25.12 -15.08 -9.76
CA SER A 58 24.17 -16.11 -10.07
C SER A 58 22.95 -15.62 -10.83
N GLY A 59 22.68 -14.33 -10.70
CA GLY A 59 21.48 -13.73 -11.25
C GLY A 59 20.19 -14.18 -10.55
N LEU A 60 20.32 -14.92 -9.46
CA LEU A 60 19.14 -15.43 -8.73
C LEU A 60 18.57 -14.29 -7.90
N THR A 61 17.30 -14.03 -8.09
CA THR A 61 16.63 -12.89 -7.49
C THR A 61 16.14 -13.14 -6.10
N LYS A 62 15.54 -12.10 -5.52
CA LYS A 62 14.89 -12.21 -4.22
C LYS A 62 13.85 -13.31 -4.21
N PHE A 63 13.21 -13.57 -5.35
CA PHE A 63 12.15 -14.56 -5.46
C PHE A 63 12.71 -15.95 -5.70
N ASP A 64 13.88 -16.05 -6.33
CA ASP A 64 14.49 -17.34 -6.59
C ASP A 64 15.06 -18.05 -5.38
N ILE A 65 15.58 -17.29 -4.42
CA ILE A 65 16.36 -17.86 -3.34
C ILE A 65 15.50 -18.05 -2.11
N PRO A 66 15.25 -19.29 -1.77
CA PRO A 66 14.33 -19.58 -0.68
C PRO A 66 14.62 -18.85 0.61
N GLY A 67 15.88 -18.74 0.96
CA GLY A 67 16.24 -18.15 2.22
C GLY A 67 16.02 -16.66 2.25
N LEU A 68 15.74 -16.04 1.09
CA LEU A 68 15.43 -14.61 1.08
C LEU A 68 13.94 -14.35 1.33
N PHE A 69 13.17 -15.42 1.58
CA PHE A 69 11.73 -15.26 1.83
C PHE A 69 11.40 -14.17 2.85
N GLU A 70 12.05 -14.24 4.00
CA GLU A 70 11.71 -13.29 5.07
C GLU A 70 12.01 -11.84 4.66
N SER A 71 12.98 -11.68 3.78
CA SER A 71 13.34 -10.33 3.35
C SER A 71 12.26 -9.68 2.44
N LEU A 72 11.26 -10.45 2.03
CA LEU A 72 10.20 -9.92 1.25
C LEU A 72 9.34 -9.02 2.12
N PHE A 73 9.55 -9.08 3.43
CA PHE A 73 8.74 -8.30 4.38
C PHE A 73 9.57 -7.17 5.01
N THR A 74 10.85 -7.04 4.68
CA THR A 74 11.68 -6.04 5.29
C THR A 74 12.34 -5.11 4.31
N ASP A 75 11.95 -5.19 3.06
CA ASP A 75 12.51 -4.32 2.02
C ASP A 75 11.89 -2.95 2.11
N SER A 76 12.68 -1.92 1.81
CA SER A 76 12.19 -0.58 1.80
C SER A 76 11.27 -0.27 0.62
N ASN A 77 11.32 -1.07 -0.44
CA ASN A 77 10.47 -0.84 -1.63
C ASN A 77 9.92 -2.13 -2.20
N PRO A 78 8.96 -2.71 -1.52
CA PRO A 78 8.36 -3.98 -1.98
C PRO A 78 7.40 -3.84 -3.13
N PHE A 79 7.98 -3.79 -4.33
CA PHE A 79 7.21 -3.63 -5.55
C PHE A 79 6.33 -4.83 -5.88
N TRP A 80 6.58 -5.94 -5.18
CA TRP A 80 5.90 -7.19 -5.47
C TRP A 80 4.49 -7.33 -4.89
N TRP A 81 4.10 -6.48 -3.95
CA TRP A 81 2.75 -6.54 -3.38
C TRP A 81 1.79 -5.74 -4.26
N CYS A 82 0.58 -6.25 -4.47
CA CYS A 82 -0.45 -5.55 -5.24
C CYS A 82 -0.73 -4.22 -4.51
N LYS A 83 -0.63 -3.13 -5.24
CA LYS A 83 -0.76 -1.81 -4.65
C LYS A 83 -2.19 -1.34 -4.38
N ASP A 84 -3.15 -2.09 -4.89
CA ASP A 84 -4.52 -1.75 -4.72
C ASP A 84 -5.31 -2.78 -3.94
N ILE A 85 -4.62 -3.57 -3.09
CA ILE A 85 -5.28 -4.53 -2.21
C ILE A 85 -4.69 -4.23 -0.83
N THR A 86 -5.51 -4.18 0.21
CA THR A 86 -5.09 -3.75 1.54
C THR A 86 -4.44 -4.77 2.40
N VAL A 87 -4.38 -6.00 1.92
CA VAL A 87 -3.68 -7.15 2.52
C VAL A 87 -2.66 -7.72 1.52
N PHE A 88 -1.72 -8.54 2.00
CA PHE A 88 -0.71 -9.06 1.12
C PHE A 88 -1.30 -9.91 -0.04
N ALA A 89 -0.85 -9.59 -1.25
CA ALA A 89 -1.11 -10.41 -2.45
C ALA A 89 0.07 -10.16 -3.34
N GLY A 90 0.54 -11.19 -4.04
CA GLY A 90 1.65 -11.04 -4.96
C GLY A 90 1.15 -10.61 -6.32
N CYS A 91 1.69 -9.51 -6.86
CA CYS A 91 1.32 -9.00 -8.15
C CYS A 91 2.60 -8.96 -9.01
N LEU A 92 2.90 -10.10 -9.59
CA LEU A 92 4.09 -10.35 -10.37
C LEU A 92 3.92 -11.75 -10.97
N VAL A 93 4.77 -12.09 -11.92
CA VAL A 93 4.68 -13.41 -12.51
C VAL A 93 4.79 -14.47 -11.43
N GLY A 94 3.78 -15.34 -11.36
CA GLY A 94 3.66 -16.35 -10.34
C GLY A 94 2.72 -16.03 -9.17
N GLY A 95 2.32 -14.77 -9.08
CA GLY A 95 1.42 -14.35 -8.01
C GLY A 95 2.02 -14.70 -6.65
N GLY A 96 1.18 -15.21 -5.78
CA GLY A 96 1.62 -15.57 -4.45
C GLY A 96 2.71 -16.60 -4.40
N THR A 97 2.75 -17.48 -5.40
CA THR A 97 3.80 -18.51 -5.39
C THR A 97 5.20 -17.95 -5.59
N SER A 98 5.33 -16.70 -6.04
CA SER A 98 6.66 -16.08 -6.12
C SER A 98 7.08 -15.37 -4.87
N VAL A 99 6.16 -15.19 -3.93
CA VAL A 99 6.41 -14.41 -2.72
C VAL A 99 5.98 -15.13 -1.45
N ASN A 100 5.55 -16.38 -1.56
CA ASN A 100 5.14 -17.13 -0.37
C ASN A 100 6.22 -17.93 0.29
N GLY A 101 5.90 -18.49 1.46
CA GLY A 101 6.82 -19.31 2.21
C GLY A 101 7.05 -20.66 1.58
N ALA A 102 6.25 -20.95 0.57
CA ALA A 102 6.38 -22.18 -0.28
C ALA A 102 6.09 -23.48 0.45
N LEU A 103 5.48 -23.41 1.62
CA LEU A 103 5.12 -24.64 2.31
C LEU A 103 4.15 -25.37 1.40
N TYR A 104 4.42 -26.65 1.24
CA TYR A 104 3.85 -27.37 0.18
C TYR A 104 3.34 -28.74 0.63
N TRP A 105 2.04 -28.85 0.72
CA TRP A 105 1.41 -30.07 1.18
C TRP A 105 0.48 -30.66 0.15
N TYR A 106 0.69 -31.89 -0.23
CA TYR A 106 -0.24 -32.52 -1.14
C TYR A 106 -1.57 -32.59 -0.43
N PRO A 107 -2.66 -32.32 -1.13
CA PRO A 107 -3.96 -32.39 -0.48
C PRO A 107 -4.28 -33.79 -0.02
N ASN A 108 -5.02 -33.89 1.06
CA ASN A 108 -5.51 -35.18 1.51
C ASN A 108 -6.95 -35.39 0.96
N ASP A 109 -7.48 -36.61 1.11
CA ASP A 109 -8.80 -36.85 0.56
C ASP A 109 -9.88 -35.94 1.19
N GLY A 110 -9.73 -35.64 2.46
CA GLY A 110 -10.68 -34.79 3.19
C GLY A 110 -10.69 -33.37 2.64
N ASP A 111 -9.59 -32.93 2.05
CA ASP A 111 -9.53 -31.59 1.47
C ASP A 111 -10.44 -31.46 0.26
N PHE A 112 -10.76 -32.58 -0.38
CA PHE A 112 -11.56 -32.65 -1.58
C PHE A 112 -12.91 -33.34 -1.29
N SER A 113 -13.29 -33.47 -0.03
CA SER A 113 -14.53 -34.16 0.38
C SER A 113 -15.76 -33.39 -0.05
N SER A 114 -16.82 -34.09 -0.38
CA SER A 114 -18.08 -33.42 -0.63
C SER A 114 -18.59 -32.78 0.64
N SER A 115 -18.17 -33.29 1.80
CA SER A 115 -18.63 -32.72 3.08
C SER A 115 -18.09 -31.31 3.33
N VAL A 116 -17.05 -30.91 2.60
CA VAL A 116 -16.52 -29.53 2.76
C VAL A 116 -17.00 -28.62 1.66
N GLY A 117 -17.80 -29.16 0.74
CA GLY A 117 -18.41 -28.34 -0.29
C GLY A 117 -18.10 -28.65 -1.75
N TRP A 118 -17.21 -29.61 -1.99
CA TRP A 118 -16.92 -29.98 -3.36
C TRP A 118 -18.06 -30.78 -3.97
N PRO A 119 -18.34 -30.56 -5.23
CA PRO A 119 -19.26 -31.44 -5.93
C PRO A 119 -18.74 -32.89 -5.92
N SER A 120 -19.67 -33.85 -6.02
CA SER A 120 -19.29 -35.28 -6.09
C SER A 120 -18.24 -35.58 -7.09
N SER A 121 -18.33 -34.89 -8.23
CA SER A 121 -17.46 -35.09 -9.36
C SER A 121 -16.04 -34.62 -9.13
N TRP A 122 -15.79 -33.94 -8.01
CA TRP A 122 -14.44 -33.46 -7.71
C TRP A 122 -13.69 -34.29 -6.67
N THR A 123 -14.38 -35.19 -5.96
CA THR A 123 -13.80 -35.83 -4.80
C THR A 123 -12.61 -36.73 -5.12
N ASN A 124 -12.61 -37.29 -6.32
CA ASN A 124 -11.49 -38.16 -6.76
C ASN A 124 -10.38 -37.27 -7.31
N HIS A 125 -9.66 -36.67 -6.38
CA HIS A 125 -8.61 -35.74 -6.74
C HIS A 125 -7.30 -36.40 -7.15
N ALA A 126 -7.16 -37.67 -6.81
CA ALA A 126 -5.90 -38.36 -6.98
C ALA A 126 -5.26 -38.27 -8.35
N PRO A 127 -6.00 -38.45 -9.45
CA PRO A 127 -5.40 -38.36 -10.79
C PRO A 127 -4.75 -36.97 -10.99
N TYR A 128 -5.36 -35.93 -10.41
CA TYR A 128 -4.86 -34.56 -10.55
C TYR A 128 -3.75 -34.21 -9.59
N THR A 129 -3.87 -34.71 -8.36
CA THR A 129 -2.79 -34.53 -7.39
C THR A 129 -1.55 -35.24 -7.88
N SER A 130 -1.73 -36.42 -8.48
CA SER A 130 -0.59 -37.17 -9.02
C SER A 130 0.12 -36.36 -10.11
N LYS A 131 -0.65 -35.75 -10.99
CA LYS A 131 -0.06 -34.88 -12.04
C LYS A 131 0.80 -33.81 -11.41
N LEU A 132 0.22 -33.15 -10.41
CA LEU A 132 0.98 -32.14 -9.71
C LEU A 132 2.26 -32.65 -9.02
N SER A 133 2.23 -33.76 -8.29
CA SER A 133 3.39 -34.26 -7.47
C SER A 133 4.58 -34.67 -8.23
N SER A 134 4.28 -35.01 -9.48
CA SER A 134 5.29 -35.41 -10.42
C SER A 134 5.96 -34.16 -11.08
N ARG A 135 5.21 -33.05 -11.42
CA ARG A 135 5.73 -31.77 -11.98
C ARG A 135 6.48 -31.02 -10.86
N LEU A 136 5.92 -31.12 -9.65
CA LEU A 136 6.47 -30.45 -8.47
C LEU A 136 6.60 -31.40 -7.30
N PRO A 137 7.61 -32.24 -7.31
CA PRO A 137 7.78 -33.20 -6.22
C PRO A 137 8.13 -32.51 -4.92
N SER A 138 7.48 -32.90 -3.87
CA SER A 138 7.79 -32.37 -2.57
C SER A 138 9.25 -32.69 -2.13
N THR A 139 9.85 -31.73 -1.42
CA THR A 139 11.09 -31.98 -0.74
C THR A 139 11.10 -31.34 0.59
N ASP A 140 11.53 -32.06 1.60
CA ASP A 140 11.75 -31.53 2.92
C ASP A 140 13.25 -31.41 3.24
N HIS A 141 14.06 -31.55 2.20
CA HIS A 141 15.49 -31.33 2.26
C HIS A 141 15.92 -30.59 0.98
N PRO A 142 15.44 -29.36 0.77
CA PRO A 142 15.65 -28.67 -0.51
C PRO A 142 17.07 -28.32 -0.89
N SER A 143 17.95 -28.32 0.08
CA SER A 143 19.36 -28.04 -0.20
C SER A 143 19.85 -29.08 -1.20
N THR A 144 20.60 -28.68 -2.18
CA THR A 144 21.09 -29.61 -3.24
C THR A 144 22.02 -30.70 -2.75
N ASP A 145 22.58 -30.52 -1.57
CA ASP A 145 23.46 -31.56 -0.95
C ASP A 145 22.67 -32.59 -0.14
N GLY A 146 21.35 -32.44 -0.10
CA GLY A 146 20.49 -33.32 0.66
C GLY A 146 20.50 -33.17 2.17
N GLN A 147 21.30 -32.22 2.69
CA GLN A 147 21.41 -31.98 4.12
C GLN A 147 20.36 -30.92 4.55
N ARG A 148 20.03 -30.84 5.83
CA ARG A 148 19.14 -29.78 6.37
C ARG A 148 19.94 -28.81 7.27
N TYR A 149 19.52 -27.56 7.28
CA TYR A 149 20.24 -26.47 7.88
C TYR A 149 19.36 -25.65 8.79
N LEU A 150 20.00 -25.06 9.82
CA LEU A 150 19.36 -24.16 10.75
C LEU A 150 18.15 -24.87 11.35
N GLU A 151 18.38 -26.06 11.88
CA GLU A 151 17.31 -26.88 12.40
C GLU A 151 17.16 -26.90 13.91
N GLN A 152 17.77 -25.95 14.61
CA GLN A 152 17.68 -25.94 16.05
C GLN A 152 16.26 -25.82 16.56
N SER A 153 15.42 -25.06 15.87
CA SER A 153 14.06 -24.92 16.32
C SER A 153 13.26 -26.20 16.09
N PHE A 154 13.62 -26.96 15.07
CA PHE A 154 13.02 -28.27 14.82
C PHE A 154 13.39 -29.19 16.01
N ASN A 155 14.64 -29.16 16.38
CA ASN A 155 15.06 -30.02 17.48
C ASN A 155 14.32 -29.71 18.79
N VAL A 156 14.23 -28.44 19.13
CA VAL A 156 13.55 -28.05 20.34
C VAL A 156 12.07 -28.45 20.28
N VAL A 157 11.39 -28.07 19.20
CA VAL A 157 9.96 -28.30 19.18
C VAL A 157 9.67 -29.80 19.02
N SER A 158 10.55 -30.54 18.40
CA SER A 158 10.30 -31.96 18.27
C SER A 158 10.20 -32.58 19.65
N GLN A 159 11.03 -32.14 20.57
CA GLN A 159 11.00 -32.74 21.91
C GLN A 159 9.74 -32.35 22.65
N LEU A 160 9.28 -31.11 22.46
CA LEU A 160 8.06 -30.67 23.04
C LEU A 160 6.90 -31.54 22.54
N LEU A 161 6.87 -31.73 21.26
CA LEU A 161 5.79 -32.47 20.65
C LEU A 161 5.84 -33.97 21.00
N LYS A 162 7.04 -34.55 21.11
CA LYS A 162 7.10 -35.98 21.48
C LYS A 162 6.48 -36.21 22.86
N GLY A 163 6.68 -35.26 23.76
CA GLY A 163 6.10 -35.29 25.08
C GLY A 163 4.59 -35.16 25.06
N GLN A 164 4.01 -34.75 23.92
CA GLN A 164 2.58 -34.64 23.77
C GLN A 164 2.06 -35.78 22.95
N GLY A 165 2.87 -36.76 22.64
CA GLY A 165 2.40 -37.91 21.94
C GLY A 165 2.44 -37.87 20.44
N TYR A 166 3.16 -36.87 19.91
CA TYR A 166 3.33 -36.80 18.46
C TYR A 166 4.42 -37.75 17.94
N ASN A 167 4.33 -38.11 16.68
CA ASN A 167 5.32 -38.94 16.02
C ASN A 167 5.83 -38.21 14.77
N GLN A 168 7.09 -38.34 14.46
CA GLN A 168 7.65 -37.77 13.26
C GLN A 168 7.30 -38.54 12.03
N ALA A 169 7.13 -37.84 10.93
CA ALA A 169 6.94 -38.45 9.67
C ALA A 169 7.45 -37.55 8.57
N THR A 170 7.67 -38.14 7.37
CA THR A 170 7.87 -37.33 6.15
C THR A 170 6.45 -37.01 5.74
N ILE A 171 6.04 -35.76 5.96
CA ILE A 171 4.62 -35.40 5.90
C ILE A 171 3.95 -35.79 4.59
N ASN A 172 4.55 -35.47 3.46
CA ASN A 172 3.91 -35.73 2.20
C ASN A 172 3.92 -37.19 1.72
N ASP A 173 4.56 -38.06 2.46
CA ASP A 173 4.59 -39.49 2.04
C ASP A 173 3.19 -40.12 2.25
N ASN A 174 2.44 -39.60 3.25
CA ASN A 174 1.08 -40.09 3.58
C ASN A 174 0.18 -38.92 3.97
N PRO A 175 -0.25 -38.16 2.98
CA PRO A 175 -1.03 -36.96 3.21
C PRO A 175 -2.30 -37.12 4.07
N ASN A 176 -2.93 -38.29 4.03
CA ASN A 176 -4.19 -38.50 4.78
C ASN A 176 -4.04 -38.57 6.31
N TYR A 177 -2.78 -38.66 6.74
CA TYR A 177 -2.48 -38.84 8.15
C TYR A 177 -1.73 -37.67 8.70
N LYS A 178 -2.44 -36.82 9.39
CA LYS A 178 -1.87 -35.61 9.96
C LYS A 178 -1.98 -35.44 11.48
N ASP A 179 -2.95 -36.10 12.11
CA ASP A 179 -3.15 -35.93 13.52
C ASP A 179 -1.96 -36.44 14.30
N HIS A 180 -1.47 -35.60 15.19
CA HIS A 180 -0.32 -35.95 16.02
C HIS A 180 0.90 -36.31 15.20
N VAL A 181 1.08 -35.65 14.04
CA VAL A 181 2.25 -35.86 13.24
C VAL A 181 3.01 -34.54 13.16
N PHE A 182 4.35 -34.63 13.18
CA PHE A 182 5.23 -33.48 12.88
C PHE A 182 6.29 -33.94 11.92
N GLY A 183 6.88 -32.99 11.21
CA GLY A 183 7.94 -33.31 10.29
C GLY A 183 8.64 -32.08 9.79
N TYR A 184 9.71 -32.29 9.03
CA TYR A 184 10.42 -31.15 8.43
C TYR A 184 9.49 -30.46 7.45
N SER A 185 9.62 -29.15 7.37
CA SER A 185 8.87 -28.37 6.42
C SER A 185 9.14 -28.85 5.02
N ALA A 186 8.11 -28.95 4.20
CA ALA A 186 8.20 -29.38 2.80
C ALA A 186 7.91 -28.21 1.89
N PHE A 187 8.62 -28.17 0.80
CA PHE A 187 8.51 -27.10 -0.21
C PHE A 187 8.43 -27.68 -1.63
N ASP A 188 7.90 -26.89 -2.54
CA ASP A 188 7.94 -27.24 -3.95
C ASP A 188 9.10 -26.55 -4.63
N PHE A 189 10.31 -26.86 -4.14
CA PHE A 189 11.52 -26.28 -4.69
C PHE A 189 12.18 -27.29 -5.61
N LEU A 190 13.00 -26.80 -6.49
CA LEU A 190 13.83 -27.65 -7.38
C LEU A 190 15.23 -27.08 -7.41
N ASN A 191 16.26 -27.94 -7.29
CA ASN A 191 17.66 -27.50 -7.47
C ASN A 191 18.02 -26.35 -6.49
N GLY A 192 17.43 -26.36 -5.29
CA GLY A 192 17.73 -25.39 -4.25
C GLY A 192 17.13 -23.99 -4.46
N LYS A 193 16.18 -23.86 -5.38
CA LYS A 193 15.60 -22.59 -5.71
C LYS A 193 14.10 -22.72 -5.68
N ARG A 194 13.46 -21.59 -5.55
CA ARG A 194 12.00 -21.56 -5.73
C ARG A 194 11.68 -22.17 -7.07
N ALA A 195 10.57 -22.87 -7.15
CA ALA A 195 10.17 -23.51 -8.40
C ALA A 195 8.70 -23.20 -8.65
N GLY A 196 7.79 -24.04 -8.17
CA GLY A 196 6.37 -23.78 -8.37
C GLY A 196 5.99 -23.79 -9.81
N PRO A 197 4.80 -23.36 -10.10
CA PRO A 197 4.35 -23.28 -11.46
C PRO A 197 5.21 -22.45 -12.39
N VAL A 198 5.88 -21.43 -11.88
CA VAL A 198 6.66 -20.58 -12.75
C VAL A 198 7.78 -21.43 -13.37
N ALA A 199 8.36 -22.30 -12.59
CA ALA A 199 9.51 -23.06 -13.09
C ALA A 199 9.18 -24.34 -13.90
N THR A 200 7.90 -24.69 -13.93
CA THR A 200 7.45 -25.98 -14.45
C THR A 200 6.37 -25.71 -15.49
N TYR A 201 5.11 -25.66 -15.05
CA TYR A 201 3.98 -25.38 -15.92
C TYR A 201 4.18 -24.21 -16.87
N LEU A 202 4.66 -23.09 -16.36
CA LEU A 202 4.79 -21.91 -17.22
C LEU A 202 5.81 -22.18 -18.33
N GLN A 203 6.86 -22.93 -18.00
CA GLN A 203 7.96 -23.15 -18.95
C GLN A 203 7.49 -24.08 -20.09
N THR A 204 6.70 -25.09 -19.79
CA THR A 204 6.16 -25.92 -20.87
C THR A 204 5.19 -25.18 -21.69
N ALA A 205 4.40 -24.29 -21.10
CA ALA A 205 3.48 -23.50 -21.87
C ALA A 205 4.23 -22.52 -22.82
N LEU A 206 5.26 -21.87 -22.30
CA LEU A 206 5.98 -20.86 -23.09
C LEU A 206 6.63 -21.46 -24.37
N ALA A 207 6.91 -22.76 -24.31
CA ALA A 207 7.50 -23.48 -25.47
C ALA A 207 6.53 -23.65 -26.63
N ARG A 208 5.26 -23.43 -26.39
CA ARG A 208 4.25 -23.65 -27.43
C ARG A 208 3.85 -22.45 -28.24
N PRO A 209 3.72 -22.60 -29.57
CA PRO A 209 3.41 -21.48 -30.43
C PRO A 209 2.00 -20.89 -30.27
N ASN A 210 1.16 -21.75 -29.71
CA ASN A 210 -0.26 -21.39 -29.51
C ASN A 210 -0.51 -20.76 -28.15
N PHE A 211 0.57 -20.51 -27.41
CA PHE A 211 0.48 -19.83 -26.10
C PHE A 211 1.14 -18.48 -26.18
N THR A 212 0.49 -17.47 -25.63
CA THR A 212 1.00 -16.11 -25.61
C THR A 212 0.94 -15.64 -24.16
N PHE A 213 2.03 -15.04 -23.67
CA PHE A 213 2.06 -14.56 -22.26
C PHE A 213 2.39 -13.10 -22.33
N LYS A 214 1.55 -12.27 -21.73
CA LYS A 214 1.79 -10.83 -21.69
C LYS A 214 1.77 -10.29 -20.23
N THR A 215 2.89 -9.67 -19.80
CA THR A 215 3.02 -9.07 -18.49
C THR A 215 2.75 -7.59 -18.53
N ASN A 216 2.58 -6.97 -17.37
CA ASN A 216 2.28 -5.55 -17.28
C ASN A 216 0.99 -5.23 -18.02
N VAL A 217 0.05 -6.14 -17.96
CA VAL A 217 -1.27 -5.93 -18.53
C VAL A 217 -2.35 -6.13 -17.44
N MET A 218 -3.11 -5.08 -17.10
CA MET A 218 -4.15 -5.16 -16.11
C MET A 218 -5.53 -5.24 -16.75
N VAL A 219 -6.29 -6.25 -16.34
CA VAL A 219 -7.66 -6.39 -16.82
C VAL A 219 -8.54 -5.72 -15.86
N SER A 220 -9.38 -4.83 -16.34
CA SER A 220 -10.33 -4.15 -15.45
C SER A 220 -11.63 -4.92 -15.30
N ASN A 221 -12.08 -5.47 -16.41
CA ASN A 221 -13.34 -6.20 -16.45
C ASN A 221 -13.44 -7.13 -17.66
N VAL A 222 -14.39 -8.04 -17.62
CA VAL A 222 -14.73 -8.78 -18.81
C VAL A 222 -15.81 -7.94 -19.51
N VAL A 223 -15.84 -8.04 -20.83
CA VAL A 223 -16.86 -7.38 -21.67
C VAL A 223 -17.86 -8.45 -22.05
N ARG A 224 -19.13 -8.18 -21.76
CA ARG A 224 -20.14 -9.16 -21.99
C ARG A 224 -21.43 -8.51 -22.50
N ASN A 225 -22.18 -9.34 -23.20
CA ASN A 225 -23.50 -9.00 -23.68
C ASN A 225 -24.39 -10.08 -23.01
N GLY A 226 -24.96 -9.71 -21.88
CA GLY A 226 -25.70 -10.67 -21.09
C GLY A 226 -24.81 -11.80 -20.68
N SER A 227 -25.25 -13.02 -20.92
CA SER A 227 -24.49 -14.20 -20.52
C SER A 227 -23.27 -14.50 -21.36
N GLN A 228 -23.08 -13.82 -22.48
CA GLN A 228 -21.99 -14.12 -23.38
C GLN A 228 -20.84 -13.14 -23.17
N ILE A 229 -19.73 -13.69 -22.66
CA ILE A 229 -18.54 -12.89 -22.49
C ILE A 229 -17.88 -12.74 -23.86
N LEU A 230 -17.58 -11.49 -24.23
CA LEU A 230 -17.03 -11.19 -25.54
C LEU A 230 -15.52 -11.16 -25.52
N GLY A 231 -14.96 -10.91 -24.33
CA GLY A 231 -13.51 -10.77 -24.20
C GLY A 231 -13.17 -10.00 -22.94
N VAL A 232 -11.93 -9.44 -22.86
CA VAL A 232 -11.55 -8.72 -21.66
C VAL A 232 -11.18 -7.29 -22.00
N GLN A 233 -11.34 -6.40 -21.05
CA GLN A 233 -10.91 -5.05 -21.24
C GLN A 233 -9.59 -4.86 -20.47
N THR A 234 -8.57 -4.33 -21.16
CA THR A 234 -7.27 -4.13 -20.54
C THR A 234 -6.77 -2.70 -20.69
N ASN A 235 -5.65 -2.45 -20.07
CA ASN A 235 -5.01 -1.13 -20.10
C ASN A 235 -3.91 -1.09 -21.11
N ASP A 236 -3.86 -2.03 -22.05
CA ASP A 236 -2.80 -2.09 -23.11
C ASP A 236 -3.39 -1.94 -24.51
N PRO A 237 -3.32 -0.74 -25.07
CA PRO A 237 -3.93 -0.46 -26.39
C PRO A 237 -3.23 -1.11 -27.57
N THR A 238 -2.13 -1.82 -27.34
CA THR A 238 -1.45 -2.49 -28.42
C THR A 238 -1.89 -3.94 -28.59
N LEU A 239 -2.73 -4.46 -27.67
CA LEU A 239 -3.17 -5.88 -27.76
C LEU A 239 -4.58 -6.05 -28.45
N GLY A 240 -5.28 -4.93 -28.60
CA GLY A 240 -6.56 -4.85 -29.28
C GLY A 240 -7.10 -3.43 -29.23
N PRO A 241 -8.21 -3.22 -29.91
CA PRO A 241 -8.83 -1.89 -29.95
C PRO A 241 -9.21 -1.26 -28.61
N ASN A 242 -8.56 -0.13 -28.28
CA ASN A 242 -8.76 0.56 -27.01
C ASN A 242 -8.52 -0.43 -25.82
N GLY A 243 -7.72 -1.45 -26.08
CA GLY A 243 -7.36 -2.39 -25.02
C GLY A 243 -8.22 -3.65 -24.88
N PHE A 244 -9.25 -3.75 -25.73
CA PHE A 244 -10.17 -4.86 -25.75
C PHE A 244 -9.61 -6.05 -26.49
N ILE A 245 -9.66 -7.24 -25.87
CA ILE A 245 -9.19 -8.46 -26.48
C ILE A 245 -10.32 -9.48 -26.53
N PRO A 246 -10.73 -9.88 -27.73
CA PRO A 246 -11.81 -10.82 -27.87
C PRO A 246 -11.43 -12.26 -27.78
N VAL A 247 -12.44 -13.07 -27.44
CA VAL A 247 -12.33 -14.48 -27.59
C VAL A 247 -12.92 -14.88 -28.92
N THR A 248 -12.57 -16.06 -29.34
CA THR A 248 -13.18 -16.68 -30.53
C THR A 248 -14.65 -16.99 -30.21
N PRO A 249 -15.51 -17.27 -31.19
CA PRO A 249 -16.93 -17.48 -30.92
C PRO A 249 -17.26 -18.43 -29.80
N LYS A 250 -16.64 -19.60 -29.71
CA LYS A 250 -16.91 -20.55 -28.65
C LYS A 250 -15.88 -20.35 -27.52
N GLY A 251 -15.06 -19.30 -27.64
CA GLY A 251 -13.98 -19.05 -26.69
C GLY A 251 -14.43 -18.69 -25.27
N ARG A 252 -13.50 -18.76 -24.33
CA ARG A 252 -13.79 -18.67 -22.90
C ARG A 252 -12.78 -17.75 -22.19
N VAL A 253 -13.22 -17.11 -21.13
CA VAL A 253 -12.37 -16.33 -20.26
C VAL A 253 -12.29 -17.04 -18.96
N ILE A 254 -11.07 -17.19 -18.48
CA ILE A 254 -10.80 -17.77 -17.18
C ILE A 254 -10.21 -16.67 -16.29
N LEU A 255 -10.83 -16.42 -15.16
CA LEU A 255 -10.32 -15.49 -14.20
C LEU A 255 -9.48 -16.26 -13.18
N SER A 256 -8.23 -15.82 -13.00
CA SER A 256 -7.27 -16.49 -12.11
C SER A 256 -6.50 -15.34 -11.42
N ALA A 257 -7.23 -14.33 -11.01
CA ALA A 257 -6.64 -13.10 -10.53
C ALA A 257 -6.52 -13.02 -9.02
N GLY A 258 -6.77 -14.13 -8.35
CA GLY A 258 -6.66 -14.24 -6.92
C GLY A 258 -7.95 -13.79 -6.26
N ALA A 259 -8.00 -14.02 -4.96
CA ALA A 259 -9.24 -13.76 -4.21
C ALA A 259 -9.74 -12.31 -4.44
N PHE A 260 -8.84 -11.34 -4.23
CA PHE A 260 -9.25 -9.97 -4.34
C PHE A 260 -9.32 -9.55 -5.81
N GLY A 261 -8.38 -10.02 -6.59
CA GLY A 261 -8.35 -9.58 -7.98
C GLY A 261 -9.54 -10.04 -8.81
N THR A 262 -9.87 -11.33 -8.63
CA THR A 262 -11.02 -11.89 -9.35
C THR A 262 -12.30 -11.26 -8.93
N SER A 263 -12.47 -11.11 -7.63
CA SER A 263 -13.73 -10.52 -7.12
C SER A 263 -13.90 -9.13 -7.71
N ARG A 264 -12.84 -8.32 -7.71
CA ARG A 264 -12.91 -6.98 -8.30
C ARG A 264 -13.30 -7.00 -9.78
N ILE A 265 -12.66 -7.87 -10.56
CA ILE A 265 -12.97 -8.01 -11.96
C ILE A 265 -14.45 -8.28 -12.11
N LEU A 266 -14.95 -9.22 -11.32
CA LEU A 266 -16.35 -9.60 -11.39
C LEU A 266 -17.23 -8.39 -11.06
N PHE A 267 -16.95 -7.67 -9.96
CA PHE A 267 -17.77 -6.52 -9.63
C PHE A 267 -17.78 -5.55 -10.80
N GLN A 268 -16.62 -5.32 -11.41
CA GLN A 268 -16.48 -4.37 -12.47
C GLN A 268 -17.13 -4.84 -13.77
N SER A 269 -17.57 -6.12 -13.78
CA SER A 269 -18.25 -6.71 -14.87
C SER A 269 -19.74 -6.90 -14.54
N GLY A 270 -20.23 -6.31 -13.48
CA GLY A 270 -21.61 -6.48 -13.14
C GLY A 270 -21.95 -7.86 -12.63
N ILE A 271 -21.05 -8.50 -11.92
CA ILE A 271 -21.27 -9.82 -11.36
C ILE A 271 -20.88 -9.78 -9.92
N GLY A 272 -21.86 -10.03 -9.05
CA GLY A 272 -21.61 -9.97 -7.63
C GLY A 272 -22.79 -9.39 -6.86
N PRO A 273 -22.62 -9.19 -5.58
CA PRO A 273 -23.67 -8.57 -4.75
C PRO A 273 -23.94 -7.14 -5.18
N THR A 274 -25.19 -6.73 -5.07
CA THR A 274 -25.54 -5.41 -5.57
C THR A 274 -24.74 -4.30 -4.90
N ASP A 275 -24.49 -4.44 -3.61
CA ASP A 275 -23.74 -3.42 -2.90
C ASP A 275 -22.36 -3.17 -3.53
N MET A 276 -21.73 -4.21 -4.02
CA MET A 276 -20.41 -4.08 -4.59
C MET A 276 -20.48 -3.54 -5.99
N ILE A 277 -21.44 -4.03 -6.78
CA ILE A 277 -21.56 -3.52 -8.11
C ILE A 277 -21.89 -1.98 -8.03
N GLN A 278 -22.71 -1.58 -7.07
CA GLN A 278 -23.02 -0.18 -6.92
C GLN A 278 -21.81 0.60 -6.47
N THR A 279 -20.92 -0.03 -5.69
CA THR A 279 -19.66 0.63 -5.37
C THR A 279 -18.87 0.94 -6.65
N VAL A 280 -18.82 -0.01 -7.59
CA VAL A 280 -18.19 0.23 -8.88
C VAL A 280 -18.92 1.37 -9.57
N GLN A 281 -20.26 1.33 -9.53
CA GLN A 281 -21.06 2.28 -10.25
C GLN A 281 -20.86 3.68 -9.72
N SER A 282 -20.48 3.76 -8.47
CA SER A 282 -20.18 5.10 -7.87
C SER A 282 -18.97 5.80 -8.49
N ASN A 283 -18.10 5.08 -9.16
CA ASN A 283 -16.94 5.64 -9.87
C ASN A 283 -17.39 5.87 -11.31
N PRO A 284 -17.54 7.13 -11.73
CA PRO A 284 -18.10 7.37 -13.04
C PRO A 284 -17.39 6.71 -14.18
N THR A 285 -16.07 6.58 -14.07
CA THR A 285 -15.37 5.89 -15.09
C THR A 285 -15.67 4.42 -15.15
N ALA A 286 -15.60 3.78 -13.99
CA ALA A 286 -15.92 2.37 -13.96
C ALA A 286 -17.39 2.13 -14.34
N ALA A 287 -18.24 3.05 -13.96
CA ALA A 287 -19.66 2.90 -14.26
C ALA A 287 -19.95 2.75 -15.72
N ALA A 288 -19.18 3.45 -16.54
CA ALA A 288 -19.36 3.41 -17.98
C ALA A 288 -19.04 2.07 -18.57
N ALA A 289 -18.26 1.29 -17.85
CA ALA A 289 -17.86 -0.05 -18.35
C ALA A 289 -18.80 -1.15 -17.84
N LEU A 290 -19.75 -0.81 -16.97
CA LEU A 290 -20.66 -1.84 -16.44
C LEU A 290 -21.69 -2.16 -17.46
N PRO A 291 -22.21 -3.39 -17.41
CA PRO A 291 -23.42 -3.69 -18.21
C PRO A 291 -24.59 -2.93 -17.61
N PRO A 292 -25.68 -2.78 -18.32
CA PRO A 292 -26.88 -2.18 -17.71
C PRO A 292 -27.35 -2.96 -16.48
N GLN A 293 -27.97 -2.33 -15.49
CA GLN A 293 -28.37 -3.00 -14.25
C GLN A 293 -29.26 -4.22 -14.41
N ASN A 294 -30.14 -4.21 -15.42
CA ASN A 294 -31.00 -5.36 -15.67
C ASN A 294 -30.17 -6.60 -16.11
N GLN A 295 -28.90 -6.41 -16.45
CA GLN A 295 -28.01 -7.53 -16.87
C GLN A 295 -27.07 -7.98 -15.74
N TRP A 296 -27.10 -7.30 -14.60
CA TRP A 296 -26.21 -7.67 -13.51
C TRP A 296 -26.52 -9.06 -13.03
N ILE A 297 -25.52 -9.87 -12.65
CA ILE A 297 -25.73 -11.23 -12.14
C ILE A 297 -25.43 -11.23 -10.64
N ASN A 298 -26.43 -11.53 -9.84
CA ASN A 298 -26.34 -11.54 -8.42
C ASN A 298 -25.80 -12.87 -7.94
N LEU A 299 -24.54 -12.84 -7.55
CA LEU A 299 -23.84 -14.00 -7.02
C LEU A 299 -23.05 -13.60 -5.79
N PRO A 300 -22.80 -14.53 -4.92
CA PRO A 300 -22.06 -14.23 -3.66
C PRO A 300 -20.57 -14.03 -3.74
N VAL A 301 -20.17 -13.23 -4.72
CA VAL A 301 -18.75 -12.90 -4.94
C VAL A 301 -18.17 -12.12 -3.76
N GLY A 302 -17.13 -12.65 -3.15
CA GLY A 302 -16.50 -12.03 -2.01
C GLY A 302 -17.12 -12.58 -0.69
N MET A 303 -18.29 -13.21 -0.75
CA MET A 303 -18.92 -13.83 0.42
C MET A 303 -18.24 -15.15 0.67
N ASN A 304 -18.46 -15.67 1.88
CA ASN A 304 -17.92 -16.94 2.29
C ASN A 304 -16.44 -17.00 2.37
N ALA A 305 -15.78 -15.84 2.37
CA ALA A 305 -14.34 -15.77 2.45
C ALA A 305 -13.82 -16.44 3.70
N GLN A 306 -12.76 -17.24 3.55
CA GLN A 306 -12.18 -17.94 4.67
C GLN A 306 -10.67 -17.83 4.63
N ASP A 307 -10.07 -17.61 5.78
CA ASP A 307 -8.63 -17.56 5.94
C ASP A 307 -8.35 -18.10 7.38
N ASN A 308 -7.22 -18.69 7.60
CA ASN A 308 -6.93 -19.35 8.89
C ASN A 308 -6.71 -18.31 9.92
N PRO A 309 -7.16 -18.57 11.13
CA PRO A 309 -6.80 -17.66 12.23
C PRO A 309 -5.43 -17.99 12.83
N SER A 310 -4.41 -17.22 12.46
CA SER A 310 -3.02 -17.44 12.96
C SER A 310 -2.71 -16.72 14.25
N ILE A 311 -2.05 -17.41 15.18
CA ILE A 311 -1.58 -16.83 16.41
C ILE A 311 -0.12 -17.16 16.55
N ASN A 312 0.71 -16.15 16.74
CA ASN A 312 2.11 -16.38 16.90
C ASN A 312 2.42 -16.53 18.38
N LEU A 313 3.21 -17.53 18.69
CA LEU A 313 3.76 -17.75 20.02
C LEU A 313 5.26 -17.64 19.91
N VAL A 314 5.88 -16.83 20.79
CA VAL A 314 7.30 -16.63 20.69
C VAL A 314 8.01 -17.19 21.90
N PHE A 315 9.08 -17.89 21.64
CA PHE A 315 9.89 -18.61 22.62
C PHE A 315 11.38 -18.32 22.53
N THR A 316 12.12 -18.63 23.61
CA THR A 316 13.58 -18.71 23.58
C THR A 316 14.02 -20.09 24.07
N HIS A 317 15.18 -20.50 23.60
CA HIS A 317 15.82 -21.69 24.12
C HIS A 317 17.29 -21.49 23.78
N PRO A 318 18.19 -21.77 24.72
CA PRO A 318 19.61 -21.55 24.51
C PRO A 318 20.22 -22.18 23.27
N SER A 319 19.66 -23.24 22.74
CA SER A 319 20.25 -23.88 21.58
C SER A 319 19.88 -23.18 20.24
N ILE A 320 18.92 -22.27 20.28
CA ILE A 320 18.38 -21.65 19.06
C ILE A 320 19.29 -20.66 18.45
N ASP A 321 19.36 -20.64 17.12
CA ASP A 321 20.08 -19.63 16.35
C ASP A 321 19.03 -18.83 15.58
N ALA A 322 18.74 -17.65 16.08
CA ALA A 322 17.70 -16.78 15.50
C ALA A 322 18.11 -16.14 14.14
N TYR A 323 19.35 -16.38 13.71
CA TYR A 323 19.79 -16.04 12.40
C TYR A 323 19.61 -14.51 12.16
N GLU A 324 20.00 -13.72 13.13
CA GLU A 324 19.89 -12.29 13.10
C GLU A 324 18.45 -11.80 12.75
N ASN A 325 17.50 -12.63 13.11
CA ASN A 325 16.07 -12.38 12.88
C ASN A 325 15.78 -12.18 11.37
N TRP A 326 16.64 -12.76 10.54
CA TRP A 326 16.54 -12.69 9.10
C TRP A 326 16.79 -11.30 8.55
N ALA A 327 17.27 -10.39 9.39
CA ALA A 327 17.40 -9.00 8.98
C ALA A 327 18.50 -8.71 7.98
N ASP A 328 19.45 -9.64 7.93
CA ASP A 328 20.69 -9.40 7.16
C ASP A 328 20.84 -10.24 5.90
N VAL A 329 19.85 -11.06 5.59
CA VAL A 329 20.00 -12.02 4.49
C VAL A 329 20.17 -11.36 3.14
N TRP A 330 19.55 -10.19 2.96
CA TRP A 330 19.65 -9.45 1.70
C TRP A 330 20.93 -8.62 1.66
N SER A 331 21.13 -7.82 2.70
CA SER A 331 22.17 -6.83 2.69
C SER A 331 23.54 -7.26 3.16
N ASN A 332 23.63 -8.26 4.03
CA ASN A 332 24.91 -8.58 4.66
C ASN A 332 24.86 -9.97 5.27
N PRO A 333 24.66 -10.99 4.48
CA PRO A 333 24.47 -12.33 5.02
C PRO A 333 25.72 -12.90 5.64
N ARG A 334 25.56 -13.97 6.41
CA ARG A 334 26.70 -14.69 6.93
C ARG A 334 27.54 -15.18 5.77
N PRO A 335 28.81 -14.79 5.65
CA PRO A 335 29.57 -15.13 4.44
C PRO A 335 29.58 -16.59 4.09
N ALA A 336 29.69 -17.50 5.05
CA ALA A 336 29.79 -18.89 4.65
C ALA A 336 28.52 -19.36 4.02
N ASP A 337 27.40 -18.86 4.51
CA ASP A 337 26.12 -19.32 3.98
C ASP A 337 25.89 -18.80 2.57
N ALA A 338 26.22 -17.54 2.34
CA ALA A 338 26.10 -16.95 1.01
C ALA A 338 27.00 -17.68 0.01
N ALA A 339 28.22 -17.95 0.42
CA ALA A 339 29.17 -18.57 -0.45
C ALA A 339 28.71 -19.97 -0.81
N GLN A 340 28.19 -20.70 0.17
CA GLN A 340 27.70 -22.02 -0.07
C GLN A 340 26.59 -21.99 -1.11
N TYR A 341 25.65 -21.09 -0.95
CA TYR A 341 24.57 -21.01 -1.91
C TYR A 341 25.01 -20.59 -3.27
N LEU A 342 25.91 -19.63 -3.33
CA LEU A 342 26.40 -19.14 -4.61
C LEU A 342 27.09 -20.25 -5.39
N ALA A 343 27.78 -21.08 -4.66
CA ALA A 343 28.57 -22.13 -5.28
C ALA A 343 27.68 -23.23 -5.84
N ASN A 344 26.75 -23.75 -5.02
CA ASN A 344 25.95 -24.88 -5.53
C ASN A 344 24.49 -24.97 -5.02
N GLN A 345 24.01 -23.85 -4.51
CA GLN A 345 22.63 -23.75 -4.05
C GLN A 345 22.31 -24.74 -2.94
N SER A 346 23.28 -24.94 -2.08
CA SER A 346 23.03 -25.69 -0.85
C SER A 346 23.16 -24.75 0.37
N GLY A 347 22.78 -25.25 1.53
CA GLY A 347 22.86 -24.55 2.80
C GLY A 347 21.56 -23.87 3.25
N VAL A 348 21.71 -22.97 4.18
CA VAL A 348 20.60 -22.26 4.79
C VAL A 348 19.69 -21.62 3.72
N PHE A 349 20.29 -21.04 2.70
CA PHE A 349 19.51 -20.30 1.70
C PHE A 349 18.65 -21.11 0.79
N ALA A 350 18.86 -22.43 0.80
CA ALA A 350 18.09 -23.30 -0.01
C ALA A 350 16.72 -23.61 0.61
N GLY A 351 16.48 -23.17 1.82
CA GLY A 351 15.16 -23.33 2.40
C GLY A 351 14.63 -21.99 2.82
N ALA A 352 13.30 -21.88 2.87
CA ALA A 352 12.74 -20.69 3.51
C ALA A 352 12.87 -20.80 5.03
N SER A 353 12.24 -19.90 5.76
CA SER A 353 12.37 -19.87 7.20
C SER A 353 11.68 -21.01 7.98
N PRO A 354 10.58 -21.58 7.51
CA PRO A 354 9.96 -22.67 8.31
C PRO A 354 10.83 -23.92 8.39
N LYS A 355 10.87 -24.54 9.56
CA LYS A 355 11.67 -25.73 9.80
C LYS A 355 10.83 -26.96 10.18
N LEU A 356 9.78 -26.77 10.96
CA LEU A 356 8.95 -27.86 11.45
C LEU A 356 7.50 -27.50 11.29
N ASN A 357 6.70 -28.50 10.96
CA ASN A 357 5.27 -28.37 10.87
C ASN A 357 4.59 -29.48 11.60
N PHE A 358 3.45 -29.18 12.21
CA PHE A 358 2.70 -30.22 12.95
C PHE A 358 1.22 -29.99 12.84
N TRP A 359 0.45 -31.06 13.06
CA TRP A 359 -0.99 -30.94 13.04
C TRP A 359 -1.61 -31.75 14.15
N ARG A 360 -2.83 -31.37 14.51
CA ARG A 360 -3.60 -32.08 15.52
C ARG A 360 -5.08 -31.86 15.32
N ALA A 361 -5.85 -32.93 15.44
CA ALA A 361 -7.30 -32.84 15.33
C ALA A 361 -7.96 -32.54 16.66
N TYR A 362 -9.00 -31.73 16.62
CA TYR A 362 -9.76 -31.34 17.76
C TYR A 362 -11.20 -31.54 17.48
N SER A 363 -11.93 -32.18 18.37
CA SER A 363 -13.37 -32.24 18.15
C SER A 363 -14.04 -30.97 18.62
N GLY A 364 -15.01 -30.46 17.88
CA GLY A 364 -15.67 -29.25 18.31
C GLY A 364 -17.06 -29.59 18.87
N SER A 365 -17.58 -28.73 19.74
CA SER A 365 -18.93 -28.94 20.36
C SER A 365 -20.09 -28.89 19.36
N ASP A 366 -19.79 -28.38 18.17
CA ASP A 366 -20.77 -28.29 17.11
C ASP A 366 -20.70 -29.48 16.17
N GLY A 367 -19.89 -30.48 16.52
CA GLY A 367 -19.77 -31.68 15.69
C GLY A 367 -18.75 -31.76 14.55
N PHE A 368 -18.00 -30.68 14.36
CA PHE A 368 -16.99 -30.66 13.35
C PHE A 368 -15.65 -30.83 13.97
N THR A 369 -14.90 -31.72 13.39
CA THR A 369 -13.52 -31.88 13.72
C THR A 369 -12.74 -30.78 13.04
N ARG A 370 -11.91 -30.14 13.81
CA ARG A 370 -11.03 -29.10 13.30
C ARG A 370 -9.61 -29.52 13.46
N TYR A 371 -8.76 -29.12 12.54
CA TYR A 371 -7.35 -29.35 12.70
C TYR A 371 -6.64 -28.08 13.08
N ALA A 372 -5.64 -28.20 13.92
CA ALA A 372 -4.74 -27.12 14.22
C ALA A 372 -3.44 -27.45 13.50
N GLN A 373 -2.78 -26.42 12.98
CA GLN A 373 -1.45 -26.55 12.39
C GLN A 373 -0.48 -25.64 13.10
N GLY A 374 0.71 -26.14 13.34
CA GLY A 374 1.79 -25.34 13.82
C GLY A 374 2.87 -25.24 12.75
N THR A 375 3.50 -24.06 12.70
CA THR A 375 4.65 -23.85 11.86
C THR A 375 5.73 -23.23 12.78
N VAL A 376 6.92 -23.79 12.79
CA VAL A 376 7.98 -23.29 13.63
C VAL A 376 9.10 -22.69 12.76
N ARG A 377 9.58 -21.53 13.12
CA ARG A 377 10.70 -20.91 12.41
C ARG A 377 11.57 -20.21 13.43
N PRO A 378 12.88 -20.12 13.13
CA PRO A 378 13.72 -19.26 13.95
C PRO A 378 13.39 -17.80 13.67
N GLY A 379 13.64 -16.97 14.66
CA GLY A 379 13.26 -15.60 14.65
C GLY A 379 11.81 -15.31 15.00
N ALA A 380 11.50 -14.03 15.10
CA ALA A 380 10.14 -13.55 15.38
C ALA A 380 9.91 -12.16 14.84
N ALA A 381 8.73 -11.90 14.33
CA ALA A 381 8.40 -10.59 13.77
C ALA A 381 8.13 -9.55 14.83
N SER A 382 7.55 -9.98 15.94
CA SER A 382 7.10 -9.10 17.00
C SER A 382 7.20 -9.81 18.35
N VAL A 383 7.73 -9.13 19.34
CA VAL A 383 7.84 -9.62 20.67
C VAL A 383 7.28 -8.62 21.61
N ASN A 384 6.49 -9.08 22.56
CA ASN A 384 5.91 -8.18 23.54
C ASN A 384 6.19 -8.79 24.92
N SER A 385 7.40 -8.57 25.40
CA SER A 385 7.83 -9.14 26.66
C SER A 385 8.13 -8.04 27.67
N SER A 386 7.66 -8.22 28.89
CA SER A 386 7.95 -7.26 29.98
C SER A 386 9.25 -7.67 30.67
N LEU A 387 9.76 -8.85 30.32
CA LEU A 387 11.01 -9.37 30.86
C LEU A 387 12.13 -9.34 29.81
N PRO A 388 13.36 -9.19 30.23
CA PRO A 388 14.47 -9.26 29.28
C PRO A 388 14.57 -10.63 28.63
N TYR A 389 15.09 -10.66 27.40
CA TYR A 389 15.29 -11.90 26.70
C TYR A 389 16.44 -11.75 25.76
N ASN A 390 17.05 -12.86 25.38
CA ASN A 390 18.19 -12.87 24.50
C ASN A 390 17.61 -13.03 23.09
N ALA A 391 17.74 -11.99 22.30
CA ALA A 391 17.16 -11.98 20.94
C ALA A 391 17.76 -13.00 20.00
N SER A 392 18.96 -13.46 20.27
CA SER A 392 19.57 -14.47 19.42
C SER A 392 18.94 -15.83 19.58
N GLN A 393 18.10 -15.98 20.59
CA GLN A 393 17.52 -17.25 20.98
C GLN A 393 16.06 -17.40 20.62
N ILE A 394 15.49 -16.44 19.92
CA ILE A 394 14.04 -16.45 19.70
C ILE A 394 13.61 -17.30 18.49
N PHE A 395 12.44 -17.88 18.64
CA PHE A 395 11.79 -18.61 17.59
C PHE A 395 10.30 -18.52 17.77
N THR A 396 9.59 -18.74 16.69
CA THR A 396 8.13 -18.63 16.66
C THR A 396 7.48 -19.95 16.37
N ILE A 397 6.38 -20.19 17.08
CA ILE A 397 5.45 -21.26 16.66
C ILE A 397 4.16 -20.51 16.31
N THR A 398 3.80 -20.60 15.05
CA THR A 398 2.56 -20.01 14.58
C THR A 398 1.53 -21.11 14.56
N VAL A 399 0.41 -20.90 15.23
CA VAL A 399 -0.66 -21.89 15.30
C VAL A 399 -1.87 -21.31 14.62
N TYR A 400 -2.47 -22.08 13.75
CA TYR A 400 -3.74 -21.74 13.17
C TYR A 400 -4.63 -22.94 13.11
N LEU A 401 -5.91 -22.70 12.85
CA LEU A 401 -6.88 -23.75 12.58
C LEU A 401 -7.14 -23.78 11.09
N SER A 402 -7.55 -24.91 10.60
CA SER A 402 -7.72 -25.13 9.19
C SER A 402 -9.02 -25.93 8.89
N THR A 403 -8.85 -27.22 8.64
CA THR A 403 -9.96 -28.09 8.37
C THR A 403 -11.02 -27.95 9.45
N GLY A 404 -12.27 -27.95 9.00
CA GLY A 404 -13.42 -27.94 9.86
C GLY A 404 -13.88 -26.62 10.43
N ILE A 405 -13.10 -25.55 10.28
CA ILE A 405 -13.54 -24.30 10.92
C ILE A 405 -14.80 -23.79 10.27
N GLN A 406 -15.59 -23.08 11.06
CA GLN A 406 -16.88 -22.60 10.61
C GLN A 406 -16.93 -21.11 10.30
N SER A 407 -15.91 -20.37 10.72
CA SER A 407 -15.91 -18.93 10.47
C SER A 407 -15.85 -18.59 9.01
N ARG A 408 -16.63 -17.60 8.63
CA ARG A 408 -16.63 -17.04 7.30
C ARG A 408 -16.64 -15.51 7.43
N GLY A 409 -15.92 -14.82 6.55
CA GLY A 409 -15.95 -13.37 6.47
C GLY A 409 -16.34 -12.96 5.09
N ARG A 410 -15.90 -11.77 4.72
CA ARG A 410 -16.27 -11.17 3.46
C ARG A 410 -15.18 -10.24 2.96
N ILE A 411 -14.90 -10.39 1.67
CA ILE A 411 -13.97 -9.53 0.97
C ILE A 411 -14.72 -8.81 -0.12
N GLY A 412 -14.19 -7.68 -0.52
CA GLY A 412 -14.79 -6.89 -1.56
C GLY A 412 -13.92 -5.70 -1.98
N ILE A 413 -14.59 -4.61 -2.29
CA ILE A 413 -13.94 -3.37 -2.68
C ILE A 413 -14.50 -2.25 -1.88
N ASP A 414 -13.63 -1.25 -1.69
CA ASP A 414 -14.04 0.01 -1.06
C ASP A 414 -14.33 1.01 -2.16
N ALA A 415 -14.68 2.24 -1.78
CA ALA A 415 -15.02 3.26 -2.73
C ALA A 415 -13.95 3.61 -3.73
N ALA A 416 -12.68 3.43 -3.32
CA ALA A 416 -11.54 3.65 -4.17
C ALA A 416 -11.22 2.47 -5.10
N LEU A 417 -12.08 1.47 -5.05
CA LEU A 417 -11.94 0.25 -5.85
C LEU A 417 -10.74 -0.56 -5.46
N ARG A 418 -10.34 -0.43 -4.20
CA ARG A 418 -9.28 -1.30 -3.65
C ARG A 418 -9.91 -2.57 -3.09
N GLY A 419 -9.20 -3.69 -3.25
CA GLY A 419 -9.64 -4.92 -2.67
C GLY A 419 -9.40 -4.82 -1.18
N THR A 420 -10.43 -5.19 -0.42
CA THR A 420 -10.35 -5.04 0.99
C THR A 420 -11.14 -6.08 1.76
N VAL A 421 -10.85 -6.19 3.04
CA VAL A 421 -11.56 -7.15 3.87
C VAL A 421 -12.69 -6.35 4.43
N LEU A 422 -13.90 -6.70 4.05
CA LEU A 422 -15.11 -6.04 4.54
C LEU A 422 -15.57 -6.56 5.92
N THR A 423 -15.46 -7.86 6.08
CA THR A 423 -15.78 -8.54 7.32
C THR A 423 -14.66 -9.50 7.65
N PRO A 424 -13.91 -9.20 8.70
CA PRO A 424 -12.83 -10.12 9.08
C PRO A 424 -13.32 -11.53 9.31
N PRO A 425 -12.63 -12.53 8.70
CA PRO A 425 -13.10 -13.89 8.79
C PRO A 425 -12.65 -14.67 9.99
N TRP A 426 -11.81 -14.07 10.83
CA TRP A 426 -11.12 -14.83 11.89
C TRP A 426 -11.98 -14.88 13.15
N LEU A 427 -12.24 -16.09 13.62
CA LEU A 427 -12.96 -16.26 14.89
C LEU A 427 -14.34 -15.59 14.93
N VAL A 428 -14.99 -15.57 13.80
CA VAL A 428 -16.38 -15.13 13.77
C VAL A 428 -17.26 -16.18 14.52
N ASN A 429 -16.91 -17.40 14.33
CA ASN A 429 -17.60 -18.52 14.99
C ASN A 429 -16.98 -18.79 16.34
N PRO A 430 -17.76 -18.76 17.39
CA PRO A 430 -17.22 -18.98 18.76
C PRO A 430 -16.58 -20.33 19.01
N VAL A 431 -17.03 -21.39 18.36
CA VAL A 431 -16.39 -22.68 18.59
C VAL A 431 -14.99 -22.70 18.00
N ASP A 432 -14.78 -21.99 16.87
CA ASP A 432 -13.43 -21.90 16.32
C ASP A 432 -12.52 -21.29 17.39
N LYS A 433 -13.00 -20.25 18.10
CA LYS A 433 -12.16 -19.61 19.10
C LYS A 433 -11.89 -20.51 20.28
N THR A 434 -12.92 -21.21 20.71
CA THR A 434 -12.72 -22.14 21.82
C THR A 434 -11.66 -23.20 21.49
N VAL A 435 -11.75 -23.71 20.27
CA VAL A 435 -10.82 -24.76 19.85
C VAL A 435 -9.40 -24.18 19.67
N LEU A 436 -9.28 -22.94 19.15
CA LEU A 436 -7.97 -22.36 18.97
C LEU A 436 -7.31 -22.19 20.32
N LEU A 437 -8.08 -21.78 21.32
CA LEU A 437 -7.47 -21.63 22.68
C LEU A 437 -7.06 -22.99 23.27
N GLN A 438 -7.84 -24.04 23.06
CA GLN A 438 -7.46 -25.36 23.50
C GLN A 438 -6.18 -25.77 22.80
N ALA A 439 -6.09 -25.50 21.49
CA ALA A 439 -4.89 -25.84 20.74
C ALA A 439 -3.68 -25.10 21.23
N LEU A 440 -3.83 -23.82 21.54
CA LEU A 440 -2.74 -23.03 22.09
C LEU A 440 -2.32 -23.58 23.47
N HIS A 441 -3.31 -23.87 24.28
CA HIS A 441 -2.99 -24.44 25.63
C HIS A 441 -2.26 -25.73 25.50
N ASP A 442 -2.66 -26.59 24.59
CA ASP A 442 -2.01 -27.89 24.41
C ASP A 442 -0.57 -27.73 23.96
N VAL A 443 -0.31 -26.79 23.04
CA VAL A 443 1.04 -26.60 22.55
C VAL A 443 2.02 -26.24 23.67
N VAL A 444 1.57 -25.47 24.63
CA VAL A 444 2.47 -25.04 25.70
C VAL A 444 2.27 -25.83 27.00
N SER A 445 1.51 -26.89 26.93
CA SER A 445 1.12 -27.67 28.16
C SER A 445 2.34 -28.23 28.90
N ASN A 446 3.32 -28.73 28.14
CA ASN A 446 4.54 -29.36 28.71
C ASN A 446 5.82 -28.50 28.54
N ILE A 447 5.64 -27.20 28.45
CA ILE A 447 6.78 -26.31 28.31
C ILE A 447 7.76 -26.46 29.48
N GLY A 448 7.20 -26.71 30.66
CA GLY A 448 8.00 -26.90 31.87
C GLY A 448 8.88 -28.16 31.87
N SER A 449 8.63 -29.11 30.95
CA SER A 449 9.40 -30.38 30.85
C SER A 449 10.55 -30.25 29.92
N ILE A 450 10.64 -29.12 29.21
CA ILE A 450 11.71 -28.92 28.30
C ILE A 450 12.69 -27.90 28.88
N PRO A 451 13.85 -28.36 29.31
CA PRO A 451 14.78 -27.46 29.95
C PRO A 451 15.27 -26.36 29.02
N GLY A 452 15.22 -25.15 29.52
CA GLY A 452 15.70 -23.99 28.76
C GLY A 452 14.62 -23.31 27.95
N LEU A 453 13.43 -23.92 27.85
CA LEU A 453 12.42 -23.35 27.00
C LEU A 453 11.54 -22.37 27.72
N THR A 454 11.50 -21.12 27.24
CA THR A 454 10.65 -20.09 27.82
C THR A 454 9.71 -19.51 26.77
N MET A 455 8.46 -19.25 27.13
CA MET A 455 7.54 -18.56 26.22
C MET A 455 7.64 -17.11 26.65
N ILE A 456 8.03 -16.24 25.72
CA ILE A 456 8.24 -14.80 25.92
C ILE A 456 7.12 -13.88 25.33
N THR A 457 6.28 -14.43 24.49
CA THR A 457 5.10 -13.76 23.99
C THR A 457 4.08 -14.79 23.68
N PRO A 458 2.99 -14.85 24.43
CA PRO A 458 2.72 -14.01 25.61
C PRO A 458 3.66 -14.38 26.74
N ASP A 459 4.04 -13.36 27.52
CA ASP A 459 4.93 -13.59 28.64
C ASP A 459 4.17 -14.16 29.84
N VAL A 460 4.89 -14.42 30.93
CA VAL A 460 4.24 -15.00 32.13
C VAL A 460 3.12 -14.19 32.74
N THR A 461 3.05 -12.89 32.42
CA THR A 461 2.00 -12.01 32.98
C THR A 461 0.69 -11.99 32.23
N GLN A 462 0.65 -12.63 31.06
CA GLN A 462 -0.50 -12.55 30.19
C GLN A 462 -0.90 -13.97 29.84
N THR A 463 -2.15 -14.33 30.15
CA THR A 463 -2.64 -15.67 29.84
C THR A 463 -2.94 -15.76 28.31
N LEU A 464 -3.07 -16.98 27.84
CA LEU A 464 -3.40 -17.19 26.41
C LEU A 464 -4.75 -16.54 26.11
N GLU A 465 -5.68 -16.63 27.03
CA GLU A 465 -7.00 -16.03 26.83
C GLU A 465 -6.89 -14.53 26.64
N GLU A 466 -6.13 -13.89 27.53
CA GLU A 466 -5.89 -12.46 27.41
C GLU A 466 -5.16 -12.09 26.12
N TYR A 467 -4.23 -12.93 25.73
CA TYR A 467 -3.37 -12.71 24.53
C TYR A 467 -4.25 -12.68 23.29
N VAL A 468 -5.06 -13.73 23.15
CA VAL A 468 -5.97 -13.83 22.03
C VAL A 468 -6.96 -12.67 22.01
N ASP A 469 -7.42 -12.25 23.21
CA ASP A 469 -8.43 -11.18 23.25
C ASP A 469 -7.85 -9.80 22.89
N ALA A 470 -6.57 -9.64 23.17
CA ALA A 470 -5.89 -8.38 22.89
C ALA A 470 -5.28 -8.38 21.46
N TYR A 471 -5.34 -9.53 20.79
CA TYR A 471 -4.68 -9.69 19.48
C TYR A 471 -5.41 -8.85 18.39
N ASP A 472 -4.65 -8.20 17.56
CA ASP A 472 -5.23 -7.41 16.49
C ASP A 472 -5.76 -8.38 15.47
N PRO A 473 -7.06 -8.40 15.22
CA PRO A 473 -7.62 -9.38 14.29
C PRO A 473 -6.92 -9.41 12.95
N ALA A 474 -6.59 -8.25 12.44
CA ALA A 474 -5.98 -8.14 11.13
C ALA A 474 -4.65 -8.88 11.07
N THR A 475 -3.99 -9.02 12.21
CA THR A 475 -2.70 -9.70 12.23
C THR A 475 -2.85 -11.22 12.26
N MET A 476 -4.11 -11.70 12.36
CA MET A 476 -4.39 -13.15 12.31
C MET A 476 -4.36 -13.66 10.86
N ASN A 477 -4.36 -12.74 9.91
CA ASN A 477 -4.35 -13.08 8.49
C ASN A 477 -3.19 -14.01 8.19
N SER A 478 -3.53 -15.13 7.59
CA SER A 478 -2.59 -16.15 7.21
C SER A 478 -2.24 -16.11 5.72
N ASN A 479 -2.85 -15.19 5.00
CA ASN A 479 -2.65 -15.03 3.55
C ASN A 479 -3.08 -16.26 2.78
N HIS A 480 -4.09 -16.95 3.29
CA HIS A 480 -4.58 -18.19 2.67
C HIS A 480 -6.01 -18.09 2.15
N TRP A 481 -6.42 -16.95 1.66
CA TRP A 481 -7.80 -16.72 1.23
C TRP A 481 -8.36 -17.75 0.30
N VAL A 482 -9.52 -18.29 0.65
CA VAL A 482 -10.24 -19.18 -0.17
C VAL A 482 -11.74 -18.83 -0.11
N SER A 483 -12.52 -19.40 -1.04
CA SER A 483 -13.97 -19.47 -0.99
C SER A 483 -14.75 -18.24 -1.40
N SER A 484 -14.05 -17.18 -1.71
CA SER A 484 -14.72 -15.97 -2.15
C SER A 484 -15.46 -16.08 -3.50
N THR A 485 -15.16 -17.09 -4.30
CA THR A 485 -15.96 -17.39 -5.47
C THR A 485 -16.18 -18.89 -5.46
N THR A 486 -16.81 -19.37 -4.40
CA THR A 486 -16.80 -20.79 -4.15
C THR A 486 -17.50 -21.62 -5.22
N ILE A 487 -16.96 -22.79 -5.45
CA ILE A 487 -17.63 -23.81 -6.18
C ILE A 487 -18.84 -24.24 -5.37
N GLY A 488 -19.84 -24.69 -6.07
CA GLY A 488 -21.04 -25.21 -5.45
C GLY A 488 -22.10 -25.66 -6.42
N SER A 489 -23.29 -25.96 -5.91
CA SER A 489 -24.35 -26.49 -6.81
C SER A 489 -25.39 -25.47 -7.22
N SER A 490 -25.42 -24.32 -6.56
CA SER A 490 -26.45 -23.35 -6.81
C SER A 490 -25.97 -21.90 -6.65
N PRO A 491 -26.46 -20.97 -7.49
CA PRO A 491 -26.13 -19.57 -7.33
C PRO A 491 -26.68 -18.98 -6.01
N GLN A 492 -27.51 -19.72 -5.28
CA GLN A 492 -27.98 -19.17 -4.00
C GLN A 492 -26.85 -19.13 -2.99
N SER A 493 -25.83 -19.99 -3.16
CA SER A 493 -24.78 -20.08 -2.20
C SER A 493 -23.37 -20.20 -2.81
N ALA A 494 -23.23 -20.14 -4.11
CA ALA A 494 -21.95 -20.37 -4.75
C ALA A 494 -21.83 -19.48 -6.01
N VAL A 495 -20.59 -19.31 -6.47
CA VAL A 495 -20.29 -18.52 -7.66
C VAL A 495 -20.09 -19.31 -8.94
N VAL A 496 -19.46 -20.47 -8.80
CA VAL A 496 -19.19 -21.33 -9.95
C VAL A 496 -19.70 -22.73 -9.74
N ASP A 497 -19.96 -23.39 -10.86
CA ASP A 497 -20.50 -24.76 -10.84
C ASP A 497 -19.40 -25.81 -10.90
N SER A 498 -19.78 -27.06 -11.09
CA SER A 498 -18.78 -28.12 -11.09
C SER A 498 -17.79 -28.08 -12.25
N ASN A 499 -18.03 -27.27 -13.26
CA ASN A 499 -17.10 -27.05 -14.32
C ASN A 499 -16.42 -25.67 -14.18
N VAL A 500 -16.41 -25.17 -12.95
CA VAL A 500 -15.92 -23.83 -12.58
C VAL A 500 -16.40 -22.71 -13.47
N LYS A 501 -17.60 -22.91 -14.01
CA LYS A 501 -18.26 -21.89 -14.79
C LYS A 501 -19.10 -20.98 -13.89
N VAL A 502 -18.95 -19.69 -14.08
CA VAL A 502 -19.74 -18.70 -13.33
C VAL A 502 -21.21 -18.86 -13.70
N PHE A 503 -22.04 -19.03 -12.70
CA PHE A 503 -23.45 -19.13 -12.92
C PHE A 503 -23.97 -17.93 -13.68
N GLY A 504 -24.89 -18.19 -14.62
CA GLY A 504 -25.50 -17.13 -15.38
C GLY A 504 -24.69 -16.67 -16.58
N THR A 505 -23.52 -17.31 -16.78
CA THR A 505 -22.68 -17.01 -17.94
C THR A 505 -22.53 -18.22 -18.85
N ASN A 506 -22.21 -17.98 -20.09
CA ASN A 506 -22.04 -19.07 -21.01
C ASN A 506 -20.62 -19.57 -20.99
N ASN A 507 -19.69 -18.67 -20.70
CA ASN A 507 -18.30 -18.91 -21.03
C ASN A 507 -17.26 -18.22 -20.15
N LEU A 508 -17.65 -17.92 -18.91
CA LEU A 508 -16.75 -17.32 -17.93
C LEU A 508 -16.44 -18.32 -16.84
N PHE A 509 -15.16 -18.54 -16.53
CA PHE A 509 -14.73 -19.57 -15.57
C PHE A 509 -13.79 -18.92 -14.58
N ILE A 510 -13.60 -19.59 -13.46
CA ILE A 510 -12.63 -19.14 -12.46
C ILE A 510 -11.74 -20.29 -12.09
N VAL A 511 -10.41 -20.07 -12.11
CA VAL A 511 -9.45 -21.06 -11.63
C VAL A 511 -8.43 -20.35 -10.74
N ASP A 512 -8.77 -20.24 -9.46
CA ASP A 512 -7.97 -19.62 -8.45
C ASP A 512 -8.49 -19.99 -7.11
N ALA A 513 -7.84 -19.54 -6.05
CA ALA A 513 -8.19 -19.99 -4.72
C ALA A 513 -9.64 -19.73 -4.33
N GLY A 514 -10.24 -18.75 -4.97
CA GLY A 514 -11.61 -18.41 -4.69
C GLY A 514 -12.59 -19.54 -4.77
N ILE A 515 -12.31 -20.48 -5.65
CA ILE A 515 -13.22 -21.58 -5.85
C ILE A 515 -13.20 -22.62 -4.74
N ILE A 516 -12.10 -22.68 -4.02
CA ILE A 516 -11.92 -23.70 -2.99
C ILE A 516 -12.96 -23.46 -1.85
N PRO A 517 -13.79 -24.45 -1.52
CA PRO A 517 -14.93 -24.20 -0.64
C PRO A 517 -14.64 -24.15 0.82
N HIS A 518 -13.48 -24.59 1.24
CA HIS A 518 -13.07 -24.60 2.60
C HIS A 518 -11.58 -24.68 2.66
N LEU A 519 -10.97 -24.06 3.67
CA LEU A 519 -9.51 -24.21 3.86
C LEU A 519 -9.17 -25.70 3.98
N PRO A 520 -8.06 -26.13 3.35
CA PRO A 520 -7.60 -27.48 3.49
C PRO A 520 -6.77 -27.62 4.77
N THR A 521 -6.25 -28.81 5.06
CA THR A 521 -5.61 -29.02 6.33
C THR A 521 -4.32 -28.21 6.49
N GLY A 522 -3.53 -28.19 5.42
CA GLY A 522 -2.30 -27.46 5.43
C GLY A 522 -2.42 -26.11 4.67
N ASN A 523 -1.29 -25.41 4.63
CA ASN A 523 -1.15 -24.29 3.73
C ASN A 523 -1.71 -24.71 2.35
N PRO A 524 -2.48 -23.85 1.69
CA PRO A 524 -3.36 -24.24 0.58
C PRO A 524 -2.75 -24.39 -0.79
N GLN A 525 -1.52 -23.95 -1.03
CA GLN A 525 -1.06 -23.95 -2.43
C GLN A 525 -1.11 -25.34 -3.11
N GLY A 526 -0.73 -26.38 -2.36
CA GLY A 526 -0.79 -27.74 -2.89
C GLY A 526 -2.20 -28.14 -3.30
N THR A 527 -3.16 -27.77 -2.46
CA THR A 527 -4.55 -28.03 -2.78
C THR A 527 -5.04 -27.27 -4.01
N LEU A 528 -4.69 -26.00 -4.04
CA LEU A 528 -5.07 -25.15 -5.16
C LEU A 528 -4.49 -25.69 -6.46
N MET A 529 -3.23 -26.09 -6.43
CA MET A 529 -2.64 -26.53 -7.67
C MET A 529 -3.26 -27.84 -8.18
N SER A 530 -3.60 -28.71 -7.24
CA SER A 530 -4.34 -29.91 -7.65
C SER A 530 -5.71 -29.56 -8.20
N ALA A 531 -6.35 -28.62 -7.52
CA ALA A 531 -7.67 -28.17 -7.96
C ALA A 531 -7.61 -27.54 -9.34
N ALA A 532 -6.51 -26.84 -9.67
CA ALA A 532 -6.35 -26.19 -10.98
C ALA A 532 -6.20 -27.27 -12.07
N GLU A 533 -5.44 -28.32 -11.71
CA GLU A 533 -5.33 -29.45 -12.64
C GLU A 533 -6.70 -30.04 -12.94
N GLN A 534 -7.46 -30.23 -11.89
CA GLN A 534 -8.82 -30.78 -12.11
C GLN A 534 -9.70 -29.84 -12.89
N ALA A 535 -9.63 -28.55 -12.54
CA ALA A 535 -10.42 -27.56 -13.23
C ALA A 535 -10.14 -27.56 -14.72
N ALA A 536 -8.85 -27.61 -15.10
CA ALA A 536 -8.51 -27.58 -16.48
C ALA A 536 -9.13 -28.76 -17.19
N ALA A 537 -9.17 -29.89 -16.52
CA ALA A 537 -9.72 -31.11 -17.16
C ALA A 537 -11.21 -30.94 -17.33
N LYS A 538 -11.88 -30.40 -16.32
CA LYS A 538 -13.30 -30.17 -16.41
C LYS A 538 -13.65 -29.20 -17.53
N ILE A 539 -12.87 -28.13 -17.66
CA ILE A 539 -13.11 -27.15 -18.67
C ILE A 539 -12.97 -27.77 -20.05
N LEU A 540 -11.92 -28.54 -20.22
CA LEU A 540 -11.68 -29.19 -21.51
C LEU A 540 -12.76 -30.20 -21.84
N ALA A 541 -13.29 -30.84 -20.82
CA ALA A 541 -14.31 -31.90 -21.02
C ALA A 541 -15.73 -31.32 -21.27
N LEU A 542 -15.93 -30.02 -21.01
CA LEU A 542 -17.25 -29.40 -21.14
C LEU A 542 -17.54 -29.08 -22.57
N ALA A 543 -18.60 -29.70 -23.07
CA ALA A 543 -18.97 -29.52 -24.47
C ALA A 543 -19.28 -28.08 -24.81
N GLY A 544 -19.05 -27.71 -26.08
CA GLY A 544 -19.38 -26.43 -26.61
C GLY A 544 -18.28 -25.42 -26.53
N GLY A 545 -17.11 -25.90 -26.16
CA GLY A 545 -15.95 -25.05 -26.04
C GLY A 545 -15.19 -24.92 -27.34
N PRO A 546 -14.12 -24.15 -27.33
CA PRO A 546 -13.31 -23.91 -28.52
C PRO A 546 -12.33 -25.04 -28.81
N PRO B 1 33.82 -3.15 10.20
CA PRO B 1 33.54 -3.01 8.74
C PRO B 1 34.57 -1.97 8.13
N THR B 2 34.90 -1.89 6.82
CA THR B 2 35.93 -0.94 6.35
C THR B 2 35.56 0.33 5.61
N VAL B 3 34.28 0.53 5.28
CA VAL B 3 33.93 1.76 4.58
C VAL B 3 34.09 2.99 5.48
N SER B 4 34.83 3.99 4.99
CA SER B 4 35.07 5.25 5.66
C SER B 4 34.13 6.26 5.05
N ALA B 5 33.20 6.76 5.84
CA ALA B 5 32.25 7.74 5.33
C ALA B 5 32.78 9.18 5.32
N THR B 6 32.27 9.99 4.39
CA THR B 6 32.46 11.42 4.38
C THR B 6 31.51 11.96 5.45
N PRO B 7 32.01 12.74 6.38
CA PRO B 7 31.13 13.42 7.35
C PRO B 7 30.57 14.70 6.75
N TYR B 8 29.36 15.09 7.17
CA TYR B 8 28.74 16.25 6.63
C TYR B 8 28.35 17.26 7.68
N ASP B 9 28.34 18.52 7.29
CA ASP B 9 27.90 19.60 8.17
C ASP B 9 26.39 19.44 8.44
N TYR B 10 25.64 19.03 7.40
CA TYR B 10 24.20 18.82 7.48
C TYR B 10 23.85 17.56 6.69
N ILE B 11 23.12 16.67 7.32
CA ILE B 11 22.53 15.49 6.67
C ILE B 11 21.07 15.77 6.75
N ILE B 12 20.43 15.83 5.59
CA ILE B 12 19.05 16.22 5.53
C ILE B 12 18.32 15.00 4.97
N VAL B 13 17.31 14.58 5.66
CA VAL B 13 16.64 13.29 5.38
C VAL B 13 15.29 13.55 4.78
N GLY B 14 15.19 13.37 3.47
CA GLY B 14 13.97 13.50 2.74
C GLY B 14 13.99 14.67 1.78
N ALA B 15 13.83 14.38 0.47
CA ALA B 15 13.84 15.38 -0.55
C ALA B 15 12.43 15.83 -0.95
N GLY B 16 11.66 16.21 0.05
CA GLY B 16 10.41 16.89 -0.18
C GLY B 16 10.67 18.39 -0.15
N PRO B 17 9.61 19.19 -0.10
CA PRO B 17 9.81 20.63 -0.11
C PRO B 17 10.65 21.14 1.07
N GLY B 18 10.43 20.63 2.26
CA GLY B 18 11.17 21.12 3.40
C GLY B 18 12.64 20.81 3.19
N GLY B 19 12.96 19.56 2.84
CA GLY B 19 14.31 19.08 2.74
C GLY B 19 15.11 19.75 1.64
N ILE B 20 14.45 19.88 0.51
CA ILE B 20 15.07 20.53 -0.65
C ILE B 20 15.37 21.97 -0.35
N ILE B 21 14.42 22.74 0.20
CA ILE B 21 14.66 24.16 0.44
C ILE B 21 15.80 24.30 1.44
N ALA B 22 15.74 23.53 2.49
CA ALA B 22 16.82 23.53 3.50
C ALA B 22 18.15 23.21 2.84
N ALA B 23 18.17 22.22 2.00
CA ALA B 23 19.40 21.78 1.40
C ALA B 23 19.95 22.91 0.54
N ASP B 24 19.07 23.59 -0.19
CA ASP B 24 19.54 24.64 -1.06
C ASP B 24 20.13 25.77 -0.22
N ARG B 25 19.38 26.22 0.75
CA ARG B 25 19.78 27.42 1.51
C ARG B 25 21.02 27.13 2.34
N LEU B 26 21.16 25.93 2.86
CA LEU B 26 22.33 25.61 3.66
C LEU B 26 23.57 25.45 2.78
N SER B 27 23.41 24.84 1.60
CA SER B 27 24.54 24.65 0.70
C SER B 27 24.91 26.00 0.10
N GLU B 28 23.96 26.91 -0.06
CA GLU B 28 24.20 28.27 -0.56
C GLU B 28 25.13 28.99 0.40
N ALA B 29 25.00 28.70 1.68
CA ALA B 29 25.79 29.33 2.72
C ALA B 29 27.16 28.71 2.82
N GLY B 30 27.44 27.71 2.01
CA GLY B 30 28.75 27.08 1.97
C GLY B 30 29.00 25.86 2.81
N LYS B 31 27.91 25.40 3.42
CA LYS B 31 28.01 24.25 4.28
C LYS B 31 28.05 22.95 3.51
N LYS B 32 28.68 21.92 4.05
CA LYS B 32 28.82 20.65 3.39
C LYS B 32 27.53 19.85 3.65
N VAL B 33 26.66 19.75 2.64
CA VAL B 33 25.34 19.19 2.84
C VAL B 33 25.10 17.87 2.09
N LEU B 34 24.46 16.94 2.76
CA LEU B 34 24.05 15.68 2.15
C LEU B 34 22.55 15.62 2.26
N LEU B 35 21.90 15.44 1.13
CA LEU B 35 20.46 15.28 1.09
C LEU B 35 20.17 13.84 0.69
N LEU B 36 19.36 13.15 1.49
CA LEU B 36 19.06 11.73 1.28
C LEU B 36 17.57 11.62 0.93
N GLU B 37 17.25 10.72 0.00
CA GLU B 37 15.88 10.49 -0.41
C GLU B 37 15.68 9.00 -0.60
N ARG B 38 14.63 8.48 0.03
CA ARG B 38 14.36 7.03 -0.03
C ARG B 38 13.91 6.56 -1.41
N GLY B 39 13.17 7.43 -2.11
CA GLY B 39 12.58 7.05 -3.41
C GLY B 39 13.53 7.36 -4.54
N GLY B 40 13.01 7.19 -5.77
CA GLY B 40 13.76 7.41 -6.98
C GLY B 40 13.39 8.65 -7.73
N PRO B 41 13.90 8.78 -8.95
CA PRO B 41 13.60 9.94 -9.78
C PRO B 41 12.15 10.14 -10.01
N SER B 42 11.78 11.38 -10.24
CA SER B 42 10.43 11.82 -10.55
C SER B 42 10.40 12.40 -11.97
N THR B 43 10.58 13.72 -12.08
CA THR B 43 10.50 14.43 -13.38
C THR B 43 11.72 14.15 -14.25
N LYS B 44 11.60 14.51 -15.51
CA LYS B 44 12.67 14.23 -16.49
C LYS B 44 14.01 14.70 -16.00
N GLN B 45 14.04 15.93 -15.47
CA GLN B 45 15.36 16.50 -15.15
C GLN B 45 16.04 15.77 -13.99
N THR B 46 15.26 15.01 -13.22
CA THR B 46 15.85 14.22 -12.12
C THR B 46 16.26 12.82 -12.55
N GLY B 47 16.03 12.51 -13.82
CA GLY B 47 16.28 11.18 -14.37
C GLY B 47 15.10 10.29 -14.56
N GLY B 48 13.93 10.88 -14.37
CA GLY B 48 12.71 10.14 -14.47
C GLY B 48 12.35 9.75 -15.87
N THR B 49 11.80 8.56 -16.01
CA THR B 49 11.48 8.01 -17.34
C THR B 49 10.07 7.47 -17.53
N TYR B 50 9.15 7.77 -16.62
CA TYR B 50 7.83 7.25 -16.69
C TYR B 50 7.01 8.25 -17.48
N VAL B 51 6.95 7.94 -18.76
CA VAL B 51 6.42 8.82 -19.79
C VAL B 51 5.21 8.29 -20.53
N ALA B 52 4.13 9.10 -20.65
CA ALA B 52 2.97 8.65 -21.37
C ALA B 52 3.30 8.24 -22.79
N PRO B 53 2.59 7.28 -23.32
CA PRO B 53 2.86 6.84 -24.70
C PRO B 53 2.82 7.97 -25.69
N TRP B 54 1.95 8.93 -25.47
CA TRP B 54 1.86 10.05 -26.38
C TRP B 54 2.94 11.09 -26.22
N ALA B 55 3.65 11.01 -25.10
CA ALA B 55 4.64 12.02 -24.73
C ALA B 55 6.09 11.56 -24.94
N THR B 56 6.24 10.38 -25.54
CA THR B 56 7.55 9.80 -25.77
C THR B 56 8.67 10.71 -26.28
N SER B 57 8.39 11.42 -27.34
CA SER B 57 9.42 12.25 -27.96
C SER B 57 9.89 13.41 -27.08
N SER B 58 9.07 13.84 -26.12
CA SER B 58 9.41 14.95 -25.22
C SER B 58 10.19 14.51 -23.97
N GLY B 59 9.98 13.26 -23.61
CA GLY B 59 10.52 12.72 -22.38
C GLY B 59 9.90 13.29 -21.12
N LEU B 60 8.88 14.12 -21.26
CA LEU B 60 8.20 14.62 -20.07
C LEU B 60 7.36 13.52 -19.36
N THR B 61 7.51 13.38 -18.05
CA THR B 61 6.96 12.29 -17.33
C THR B 61 5.59 12.61 -16.80
N LYS B 62 5.00 11.61 -16.13
CA LYS B 62 3.73 11.73 -15.48
C LYS B 62 3.79 12.85 -14.46
N PHE B 63 4.95 13.07 -13.86
CA PHE B 63 5.14 14.13 -12.85
C PHE B 63 5.38 15.49 -13.44
N ASP B 64 5.89 15.51 -14.65
CA ASP B 64 6.20 16.79 -15.26
C ASP B 64 4.97 17.54 -15.74
N ILE B 65 4.00 16.78 -16.26
CA ILE B 65 2.89 17.38 -16.97
C ILE B 65 1.71 17.66 -16.02
N PRO B 66 1.34 18.93 -15.81
CA PRO B 66 0.30 19.23 -14.82
C PRO B 66 -1.02 18.47 -15.05
N GLY B 67 -1.46 18.40 -16.30
CA GLY B 67 -2.70 17.79 -16.63
C GLY B 67 -2.73 16.30 -16.37
N LEU B 68 -1.60 15.65 -16.18
CA LEU B 68 -1.57 14.24 -15.79
C LEU B 68 -1.79 14.01 -14.30
N PHE B 69 -2.00 15.08 -13.52
CA PHE B 69 -2.20 14.93 -12.09
C PHE B 69 -3.22 13.92 -11.68
N GLU B 70 -4.40 13.96 -12.31
CA GLU B 70 -5.43 13.05 -11.86
C GLU B 70 -5.10 11.61 -12.19
N SER B 71 -4.25 11.40 -13.18
CA SER B 71 -3.79 10.05 -13.54
C SER B 71 -2.86 9.44 -12.54
N LEU B 72 -2.39 10.23 -11.58
CA LEU B 72 -1.63 9.70 -10.46
C LEU B 72 -2.44 8.78 -9.55
N PHE B 73 -3.77 8.86 -9.71
CA PHE B 73 -4.70 8.11 -8.87
C PHE B 73 -5.43 6.97 -9.59
N THR B 74 -5.10 6.79 -10.85
CA THR B 74 -5.77 5.77 -11.66
C THR B 74 -4.81 4.84 -12.40
N ASP B 75 -3.56 4.87 -12.03
CA ASP B 75 -2.54 4.02 -12.64
C ASP B 75 -2.59 2.66 -12.00
N SER B 76 -2.34 1.63 -12.79
CA SER B 76 -2.36 0.28 -12.28
C SER B 76 -1.16 -0.01 -11.41
N ASN B 77 -0.09 0.78 -11.49
CA ASN B 77 1.10 0.47 -10.70
C ASN B 77 1.73 1.75 -10.13
N PRO B 78 1.08 2.38 -9.18
CA PRO B 78 1.58 3.67 -8.64
C PRO B 78 2.76 3.56 -7.72
N PHE B 79 3.93 3.51 -8.32
CA PHE B 79 5.18 3.32 -7.62
C PHE B 79 5.56 4.51 -6.77
N TRP B 80 4.89 5.63 -7.00
CA TRP B 80 5.24 6.87 -6.34
C TRP B 80 4.72 7.03 -4.91
N TRP B 81 3.79 6.19 -4.48
CA TRP B 81 3.26 6.32 -3.14
C TRP B 81 4.16 5.58 -2.19
N CYS B 82 4.38 6.13 -1.02
CA CYS B 82 5.12 5.42 0.02
C CYS B 82 4.41 4.09 0.38
N LYS B 83 5.13 3.00 0.28
CA LYS B 83 4.53 1.66 0.44
C LYS B 83 4.29 1.24 1.86
N ASP B 84 4.84 2.03 2.77
CA ASP B 84 4.78 1.71 4.21
C ASP B 84 4.05 2.80 5.01
N ILE B 85 3.20 3.56 4.35
CA ILE B 85 2.32 4.52 5.01
C ILE B 85 0.93 4.26 4.48
N THR B 86 -0.03 4.23 5.38
CA THR B 86 -1.38 3.76 4.98
C THR B 86 -2.31 4.82 4.34
N VAL B 87 -1.81 6.07 4.23
CA VAL B 87 -2.45 7.16 3.55
C VAL B 87 -1.48 7.72 2.47
N PHE B 88 -1.96 8.57 1.56
CA PHE B 88 -1.11 9.02 0.50
C PHE B 88 0.09 9.86 1.00
N ALA B 89 1.27 9.56 0.48
CA ALA B 89 2.51 10.30 0.75
C ALA B 89 3.37 10.01 -0.49
N GLY B 90 4.02 11.02 -1.01
CA GLY B 90 4.92 10.81 -2.13
C GLY B 90 6.31 10.40 -1.67
N CYS B 91 6.81 9.29 -2.22
CA CYS B 91 8.13 8.77 -1.90
C CYS B 91 8.93 8.67 -3.21
N LEU B 92 9.54 9.79 -3.58
CA LEU B 92 10.29 9.98 -4.81
C LEU B 92 10.86 11.38 -4.70
N VAL B 93 11.76 11.73 -5.58
CA VAL B 93 12.34 13.08 -5.54
C VAL B 93 11.26 14.13 -5.62
N GLY B 94 11.23 15.04 -4.64
CA GLY B 94 10.21 16.06 -4.52
C GLY B 94 9.13 15.78 -3.50
N GLY B 95 9.00 14.53 -3.09
CA GLY B 95 8.00 14.13 -2.14
C GLY B 95 6.64 14.48 -2.66
N GLY B 96 5.79 15.01 -1.79
CA GLY B 96 4.45 15.39 -2.20
C GLY B 96 4.37 16.37 -3.33
N THR B 97 5.42 17.20 -3.48
CA THR B 97 5.40 18.24 -4.50
C THR B 97 5.49 17.64 -5.90
N SER B 98 5.90 16.37 -6.00
CA SER B 98 5.92 15.74 -7.31
C SER B 98 4.64 15.05 -7.67
N VAL B 99 3.74 14.91 -6.71
CA VAL B 99 2.52 14.17 -6.94
C VAL B 99 1.29 14.89 -6.47
N ASN B 100 1.43 16.14 -6.09
CA ASN B 100 0.28 16.91 -5.63
C ASN B 100 -0.42 17.69 -6.69
N GLY B 101 -1.56 18.31 -6.33
CA GLY B 101 -2.33 19.11 -7.28
C GLY B 101 -1.68 20.44 -7.58
N ALA B 102 -0.63 20.73 -6.80
CA ALA B 102 0.23 21.89 -6.94
C ALA B 102 -0.47 23.21 -6.64
N LEU B 103 -1.62 23.18 -5.97
CA LEU B 103 -2.28 24.42 -5.60
C LEU B 103 -1.33 25.15 -4.69
N TYR B 104 -1.14 26.43 -5.01
CA TYR B 104 -0.06 27.17 -4.43
C TYR B 104 -0.51 28.53 -3.94
N TRP B 105 -0.55 28.65 -2.61
CA TRP B 105 -1.00 29.90 -1.99
C TRP B 105 0.08 30.41 -1.11
N TYR B 106 0.51 31.65 -1.38
CA TYR B 106 1.43 32.30 -0.47
C TYR B 106 0.72 32.41 0.90
N PRO B 107 1.44 32.22 1.98
CA PRO B 107 0.79 32.33 3.29
C PRO B 107 0.38 33.74 3.57
N ASN B 108 -0.68 33.87 4.33
CA ASN B 108 -1.18 35.16 4.81
C ASN B 108 -0.62 35.40 6.17
N ASP B 109 -0.76 36.62 6.67
CA ASP B 109 -0.14 36.92 7.93
C ASP B 109 -0.68 36.04 9.06
N GLY B 110 -1.97 35.77 8.98
CA GLY B 110 -2.61 34.94 9.98
C GLY B 110 -2.04 33.53 10.01
N ASP B 111 -1.53 33.02 8.89
CA ASP B 111 -0.93 31.69 8.87
C ASP B 111 0.32 31.55 9.72
N PHE B 112 0.99 32.68 9.97
CA PHE B 112 2.14 32.70 10.77
C PHE B 112 1.88 33.50 12.06
N SER B 113 0.62 33.66 12.45
CA SER B 113 0.28 34.35 13.71
C SER B 113 0.79 33.57 14.95
N SER B 114 1.22 34.29 15.99
CA SER B 114 1.60 33.65 17.21
C SER B 114 0.34 33.04 17.84
N SER B 115 -0.82 33.53 17.48
CA SER B 115 -2.05 33.02 18.04
C SER B 115 -2.32 31.59 17.59
N VAL B 116 -1.71 31.19 16.49
CA VAL B 116 -1.90 29.81 16.00
C VAL B 116 -0.78 28.91 16.44
N GLY B 117 0.17 29.43 17.20
CA GLY B 117 1.20 28.57 17.74
C GLY B 117 2.64 28.87 17.35
N TRP B 118 2.79 29.76 16.40
CA TRP B 118 4.16 30.13 16.05
C TRP B 118 4.78 31.01 17.15
N PRO B 119 6.07 30.83 17.39
CA PRO B 119 6.80 31.74 18.29
C PRO B 119 6.79 33.14 17.74
N SER B 120 6.97 34.10 18.64
CA SER B 120 6.99 35.48 18.25
C SER B 120 8.03 35.72 17.18
N SER B 121 9.13 35.01 17.21
CA SER B 121 10.22 35.23 16.26
C SER B 121 9.91 34.74 14.82
N TRP B 122 8.77 34.08 14.65
CA TRP B 122 8.36 33.59 13.31
C TRP B 122 7.31 34.42 12.60
N THR B 123 6.62 35.30 13.32
CA THR B 123 5.47 35.97 12.77
C THR B 123 5.78 36.79 11.54
N ASN B 124 6.97 37.39 11.48
CA ASN B 124 7.32 38.22 10.35
C ASN B 124 7.79 37.35 9.23
N HIS B 125 6.84 36.74 8.55
CA HIS B 125 7.18 35.76 7.55
C HIS B 125 7.53 36.43 6.21
N ALA B 126 7.12 37.66 6.02
CA ALA B 126 7.20 38.39 4.72
C ALA B 126 8.54 38.24 4.06
N PRO B 127 9.66 38.40 4.74
CA PRO B 127 10.96 38.26 4.05
C PRO B 127 11.21 36.87 3.47
N TYR B 128 10.66 35.86 4.12
CA TYR B 128 10.84 34.47 3.69
C TYR B 128 9.82 34.15 2.62
N THR B 129 8.62 34.65 2.73
CA THR B 129 7.61 34.49 1.68
C THR B 129 8.09 35.20 0.40
N SER B 130 8.78 36.31 0.59
CA SER B 130 9.35 37.01 -0.57
C SER B 130 10.44 36.22 -1.26
N LYS B 131 11.29 35.55 -0.51
CA LYS B 131 12.33 34.72 -1.08
C LYS B 131 11.64 33.63 -1.90
N LEU B 132 10.56 33.08 -1.35
CA LEU B 132 9.83 32.01 -2.04
C LEU B 132 9.22 32.48 -3.32
N SER B 133 8.52 33.61 -3.28
CA SER B 133 7.86 34.12 -4.47
C SER B 133 8.84 34.48 -5.58
N SER B 134 10.06 34.79 -5.19
CA SER B 134 11.10 35.03 -6.23
C SER B 134 11.57 33.73 -6.92
N ARG B 135 11.65 32.63 -6.16
CA ARG B 135 12.10 31.35 -6.69
C ARG B 135 10.96 30.68 -7.50
N LEU B 136 9.74 30.81 -6.94
CA LEU B 136 8.52 30.19 -7.47
C LEU B 136 7.42 31.18 -7.55
N PRO B 137 7.40 31.98 -8.58
CA PRO B 137 6.31 32.94 -8.73
C PRO B 137 4.99 32.23 -9.00
N SER B 138 3.96 32.67 -8.31
CA SER B 138 2.64 32.08 -8.58
C SER B 138 2.14 32.35 -9.98
N THR B 139 1.46 31.40 -10.58
CA THR B 139 0.74 31.67 -11.78
C THR B 139 -0.67 31.06 -11.74
N ASP B 140 -1.69 31.83 -12.13
CA ASP B 140 -3.04 31.29 -12.31
C ASP B 140 -3.39 31.16 -13.76
N HIS B 141 -2.34 31.29 -14.59
CA HIS B 141 -2.50 31.03 -15.99
C HIS B 141 -1.24 30.24 -16.46
N PRO B 142 -1.06 28.99 -15.99
CA PRO B 142 0.20 28.27 -16.20
C PRO B 142 0.54 27.99 -17.65
N SER B 143 -0.46 27.97 -18.51
CA SER B 143 -0.21 27.75 -19.95
C SER B 143 0.73 28.79 -20.48
N THR B 144 1.72 28.34 -21.23
CA THR B 144 2.73 29.28 -21.74
C THR B 144 2.17 30.38 -22.64
N ASP B 145 1.05 30.16 -23.29
CA ASP B 145 0.45 31.20 -24.05
C ASP B 145 -0.36 32.22 -23.25
N GLY B 146 -0.43 32.06 -21.95
CA GLY B 146 -1.13 33.00 -21.10
C GLY B 146 -2.65 32.84 -21.06
N GLN B 147 -3.18 31.90 -21.86
CA GLN B 147 -4.65 31.67 -21.90
C GLN B 147 -4.96 30.64 -20.84
N ARG B 148 -6.25 30.50 -20.53
CA ARG B 148 -6.71 29.52 -19.56
C ARG B 148 -7.60 28.55 -20.28
N TYR B 149 -7.62 27.33 -19.76
CA TYR B 149 -8.26 26.20 -20.46
C TYR B 149 -9.15 25.42 -19.53
N LEU B 150 -10.18 24.82 -20.12
CA LEU B 150 -11.10 23.91 -19.40
C LEU B 150 -11.66 24.64 -18.16
N GLU B 151 -12.12 25.85 -18.41
CA GLU B 151 -12.61 26.71 -17.34
C GLU B 151 -14.15 26.75 -17.17
N GLN B 152 -14.82 25.81 -17.78
CA GLN B 152 -16.30 25.84 -17.72
C GLN B 152 -16.76 25.80 -16.28
N SER B 153 -16.15 24.96 -15.43
CA SER B 153 -16.56 24.91 -14.03
C SER B 153 -16.28 26.19 -13.24
N PHE B 154 -15.22 26.91 -13.63
CA PHE B 154 -14.96 28.21 -13.04
C PHE B 154 -16.12 29.12 -13.42
N ASN B 155 -16.57 29.01 -14.65
CA ASN B 155 -17.59 29.94 -15.07
C ASN B 155 -18.91 29.73 -14.35
N VAL B 156 -19.23 28.47 -14.07
CA VAL B 156 -20.49 28.20 -13.37
C VAL B 156 -20.42 28.60 -11.94
N VAL B 157 -19.34 28.23 -11.27
CA VAL B 157 -19.23 28.48 -9.87
C VAL B 157 -19.02 29.97 -9.64
N SER B 158 -18.34 30.68 -10.54
CA SER B 158 -18.16 32.12 -10.30
C SER B 158 -19.52 32.77 -10.23
N GLN B 159 -20.42 32.36 -11.07
CA GLN B 159 -21.75 32.93 -11.02
C GLN B 159 -22.51 32.55 -9.76
N LEU B 160 -22.30 31.35 -9.23
CA LEU B 160 -22.90 30.95 -7.99
C LEU B 160 -22.38 31.82 -6.87
N LEU B 161 -21.08 32.01 -6.81
CA LEU B 161 -20.48 32.71 -5.71
C LEU B 161 -20.80 34.22 -5.77
N LYS B 162 -20.90 34.77 -6.98
CA LYS B 162 -21.20 36.20 -7.09
C LYS B 162 -22.53 36.50 -6.42
N GLY B 163 -23.44 35.55 -6.49
CA GLY B 163 -24.77 35.70 -5.86
C GLY B 163 -24.71 35.61 -4.35
N GLN B 164 -23.60 35.12 -3.81
CA GLN B 164 -23.41 34.98 -2.39
C GLN B 164 -22.58 36.14 -1.88
N GLY B 165 -22.33 37.09 -2.75
CA GLY B 165 -21.56 38.24 -2.32
C GLY B 165 -20.04 38.10 -2.44
N TYR B 166 -19.58 37.08 -3.17
CA TYR B 166 -18.15 36.94 -3.33
C TYR B 166 -17.63 37.89 -4.41
N ASN B 167 -16.36 38.17 -4.33
CA ASN B 167 -15.63 39.02 -5.31
C ASN B 167 -14.43 38.25 -5.85
N GLN B 168 -14.15 38.43 -7.13
CA GLN B 168 -13.00 37.81 -7.77
C GLN B 168 -11.77 38.58 -7.47
N ALA B 169 -10.67 37.87 -7.32
CA ALA B 169 -9.37 38.46 -7.20
C ALA B 169 -8.32 37.52 -7.74
N THR B 170 -7.14 38.07 -8.03
CA THR B 170 -5.98 37.22 -8.29
C THR B 170 -5.54 36.87 -6.90
N ILE B 171 -5.81 35.64 -6.46
CA ILE B 171 -5.52 35.28 -5.08
C ILE B 171 -4.20 35.70 -4.49
N ASN B 172 -3.10 35.40 -5.17
CA ASN B 172 -1.79 35.58 -4.62
C ASN B 172 -1.25 37.01 -4.74
N ASP B 173 -2.04 37.87 -5.33
CA ASP B 173 -1.68 39.27 -5.45
C ASP B 173 -1.82 39.92 -4.04
N ASN B 174 -2.77 39.39 -3.21
CA ASN B 174 -2.91 39.86 -1.83
C ASN B 174 -3.37 38.66 -0.99
N PRO B 175 -2.41 37.92 -0.50
CA PRO B 175 -2.73 36.71 0.28
C PRO B 175 -3.60 36.97 1.50
N ASN B 176 -3.60 38.20 2.01
CA ASN B 176 -4.43 38.44 3.20
C ASN B 176 -5.91 38.59 2.91
N TYR B 177 -6.31 38.71 1.65
CA TYR B 177 -7.68 38.90 1.31
C TYR B 177 -8.25 37.52 1.04
N LYS B 178 -8.97 37.02 2.01
CA LYS B 178 -9.47 35.63 1.88
C LYS B 178 -10.95 35.50 2.09
N ASP B 179 -11.57 36.31 2.92
CA ASP B 179 -13.00 36.12 3.20
C ASP B 179 -13.87 36.63 2.07
N HIS B 180 -14.71 35.77 1.52
CA HIS B 180 -15.62 36.03 0.39
C HIS B 180 -14.85 36.40 -0.90
N VAL B 181 -13.78 35.66 -1.14
CA VAL B 181 -12.97 35.85 -2.33
C VAL B 181 -12.92 34.52 -3.13
N PHE B 182 -12.94 34.63 -4.45
CA PHE B 182 -12.68 33.46 -5.33
C PHE B 182 -11.77 33.95 -6.44
N GLY B 183 -11.14 32.97 -7.08
CA GLY B 183 -10.25 33.28 -8.19
C GLY B 183 -9.75 32.02 -8.87
N TYR B 184 -9.06 32.17 -9.98
CA TYR B 184 -8.52 31.03 -10.70
C TYR B 184 -7.48 30.34 -9.85
N SER B 185 -7.46 29.02 -9.94
CA SER B 185 -6.49 28.24 -9.23
C SER B 185 -5.06 28.69 -9.55
N ALA B 186 -4.24 28.84 -8.53
CA ALA B 186 -2.82 29.18 -8.70
C ALA B 186 -1.90 28.00 -8.46
N PHE B 187 -0.82 27.92 -9.23
CA PHE B 187 0.14 26.84 -9.15
C PHE B 187 1.56 27.35 -9.11
N ASP B 188 2.50 26.57 -8.59
CA ASP B 188 3.95 26.89 -8.68
C ASP B 188 4.59 26.18 -9.86
N PHE B 189 4.03 26.40 -11.01
CA PHE B 189 4.52 25.86 -12.26
C PHE B 189 5.43 26.87 -12.96
N LEU B 190 6.22 26.37 -13.86
CA LEU B 190 7.12 27.22 -14.68
C LEU B 190 7.09 26.58 -16.07
N ASN B 191 7.03 27.43 -17.06
CA ASN B 191 7.07 27.02 -18.44
C ASN B 191 6.08 25.90 -18.71
N GLY B 192 4.93 25.97 -18.08
CA GLY B 192 3.84 25.05 -18.35
C GLY B 192 4.07 23.66 -17.80
N LYS B 193 5.08 23.49 -16.94
CA LYS B 193 5.42 22.21 -16.35
C LYS B 193 5.41 22.29 -14.82
N ARG B 194 5.29 21.15 -14.19
CA ARG B 194 5.44 21.09 -12.76
C ARG B 194 6.80 21.72 -12.49
N ALA B 195 6.90 22.45 -11.39
CA ALA B 195 8.17 23.07 -11.03
C ALA B 195 8.49 22.80 -9.58
N GLY B 196 8.00 23.66 -8.71
CA GLY B 196 8.22 23.46 -7.28
C GLY B 196 9.71 23.39 -6.96
N PRO B 197 10.03 22.94 -5.77
CA PRO B 197 11.43 22.88 -5.37
C PRO B 197 12.31 22.03 -6.24
N VAL B 198 11.79 20.99 -6.88
CA VAL B 198 12.61 20.16 -7.68
C VAL B 198 13.24 20.96 -8.83
N ALA B 199 12.48 21.85 -9.42
CA ALA B 199 12.91 22.60 -10.58
C ALA B 199 13.68 23.86 -10.31
N THR B 200 13.76 24.24 -9.04
CA THR B 200 14.33 25.51 -8.65
C THR B 200 15.42 25.26 -7.60
N TYR B 201 15.01 25.17 -6.33
CA TYR B 201 15.86 24.99 -5.25
C TYR B 201 16.81 23.79 -5.40
N LEU B 202 16.31 22.66 -5.87
CA LEU B 202 17.16 21.49 -6.02
C LEU B 202 18.24 21.71 -7.08
N GLN B 203 17.86 22.37 -8.14
CA GLN B 203 18.77 22.63 -9.28
C GLN B 203 19.90 23.54 -8.90
N THR B 204 19.62 24.59 -8.12
CA THR B 204 20.74 25.46 -7.65
C THR B 204 21.61 24.71 -6.66
N ALA B 205 21.04 23.82 -5.84
CA ALA B 205 21.85 23.00 -4.97
C ALA B 205 22.83 22.07 -5.68
N LEU B 206 22.31 21.34 -6.67
CA LEU B 206 23.00 20.34 -7.41
C LEU B 206 24.22 20.91 -8.13
N ALA B 207 24.19 22.20 -8.44
CA ALA B 207 25.33 22.85 -9.11
C ALA B 207 26.50 23.10 -8.19
N ARG B 208 26.32 22.93 -6.88
CA ARG B 208 27.38 23.28 -5.88
C ARG B 208 28.25 22.12 -5.52
N PRO B 209 29.57 22.33 -5.42
CA PRO B 209 30.42 21.19 -5.10
C PRO B 209 30.26 20.67 -3.66
N ASN B 210 29.78 21.53 -2.79
CA ASN B 210 29.59 21.22 -1.39
C ASN B 210 28.21 20.61 -1.11
N PHE B 211 27.47 20.25 -2.16
CA PHE B 211 26.18 19.55 -2.03
C PHE B 211 26.20 18.17 -2.68
N THR B 212 25.69 17.18 -1.97
CA THR B 212 25.63 15.83 -2.45
C THR B 212 24.20 15.29 -2.25
N PHE B 213 23.63 14.71 -3.31
CA PHE B 213 22.25 14.18 -3.31
C PHE B 213 22.31 12.73 -3.62
N LYS B 214 21.71 11.92 -2.76
CA LYS B 214 21.64 10.50 -2.96
C LYS B 214 20.20 10.01 -2.85
N THR B 215 19.71 9.38 -3.93
CA THR B 215 18.40 8.76 -3.94
C THR B 215 18.46 7.26 -3.66
N ASN B 216 17.30 6.62 -3.44
CA ASN B 216 17.21 5.21 -3.10
C ASN B 216 18.02 4.90 -1.81
N VAL B 217 17.99 5.87 -0.90
CA VAL B 217 18.60 5.71 0.42
C VAL B 217 17.57 5.94 1.53
N MET B 218 17.30 4.91 2.28
CA MET B 218 16.35 5.05 3.38
C MET B 218 17.04 5.17 4.73
N VAL B 219 16.59 6.11 5.52
CA VAL B 219 17.09 6.35 6.88
C VAL B 219 16.10 5.68 7.82
N SER B 220 16.64 4.81 8.70
CA SER B 220 15.83 4.11 9.68
C SER B 220 15.77 4.90 11.00
N ASN B 221 16.90 5.45 11.42
CA ASN B 221 16.99 6.19 12.65
C ASN B 221 18.20 7.10 12.66
N VAL B 222 18.20 8.07 13.55
CA VAL B 222 19.40 8.78 13.78
C VAL B 222 20.14 7.99 14.84
N VAL B 223 21.46 8.12 14.87
CA VAL B 223 22.31 7.47 15.85
C VAL B 223 22.73 8.56 16.82
N ARG B 224 22.58 8.30 18.12
CA ARG B 224 22.84 9.35 19.10
C ARG B 224 23.35 8.76 20.36
N ASN B 225 24.04 9.63 21.08
CA ASN B 225 24.50 9.32 22.44
C ASN B 225 23.82 10.43 23.26
N GLY B 226 22.66 10.11 23.80
CA GLY B 226 21.88 11.07 24.55
C GLY B 226 21.42 12.19 23.61
N SER B 227 21.71 13.41 24.01
CA SER B 227 21.32 14.58 23.31
C SER B 227 22.15 14.86 22.08
N GLN B 228 23.25 14.14 21.89
CA GLN B 228 24.18 14.37 20.76
C GLN B 228 23.97 13.33 19.64
N ILE B 229 23.44 13.84 18.53
CA ILE B 229 23.24 12.99 17.34
C ILE B 229 24.60 12.85 16.63
N LEU B 230 24.99 11.63 16.34
CA LEU B 230 26.27 11.32 15.72
C LEU B 230 26.16 11.22 14.20
N GLY B 231 24.96 10.91 13.74
CA GLY B 231 24.74 10.76 12.32
C GLY B 231 23.44 10.02 12.06
N VAL B 232 23.34 9.42 10.88
CA VAL B 232 22.08 8.71 10.52
C VAL B 232 22.37 7.29 10.16
N GLN B 233 21.40 6.41 10.37
CA GLN B 233 21.53 5.03 10.00
C GLN B 233 20.77 4.81 8.69
N THR B 234 21.48 4.40 7.66
CA THR B 234 20.84 4.12 6.36
C THR B 234 20.94 2.66 5.96
N ASN B 235 20.31 2.35 4.85
CA ASN B 235 20.32 1.01 4.32
C ASN B 235 21.35 0.90 3.17
N ASP B 236 22.22 1.90 3.04
CA ASP B 236 23.20 1.89 1.92
C ASP B 236 24.62 1.73 2.45
N PRO B 237 25.20 0.59 2.26
CA PRO B 237 26.57 0.39 2.77
C PRO B 237 27.74 1.05 2.04
N THR B 238 27.55 1.73 0.94
CA THR B 238 28.63 2.44 0.33
C THR B 238 28.79 3.85 0.85
N LEU B 239 27.85 4.31 1.69
CA LEU B 239 27.96 5.69 2.10
C LEU B 239 28.61 5.77 3.49
N GLY B 240 28.81 4.64 4.09
CA GLY B 240 29.40 4.57 5.43
C GLY B 240 29.40 3.17 6.01
N PRO B 241 30.09 2.95 7.13
CA PRO B 241 30.18 1.62 7.74
C PRO B 241 28.85 1.05 8.13
N ASN B 242 28.46 -0.02 7.45
CA ASN B 242 27.18 -0.60 7.62
C ASN B 242 26.07 0.39 7.49
N GLY B 243 26.23 1.41 6.66
CA GLY B 243 25.14 2.30 6.38
C GLY B 243 25.08 3.51 7.26
N PHE B 244 25.99 3.60 8.27
CA PHE B 244 26.08 4.81 9.13
C PHE B 244 26.80 5.98 8.45
N ILE B 245 26.19 7.15 8.44
CA ILE B 245 26.86 8.33 7.89
C ILE B 245 26.95 9.32 9.04
N PRO B 246 28.15 9.72 9.41
CA PRO B 246 28.32 10.69 10.48
C PRO B 246 28.22 12.14 10.09
N VAL B 247 27.97 12.99 11.08
CA VAL B 247 28.04 14.40 10.90
C VAL B 247 29.47 14.84 11.32
N THR B 248 29.85 16.03 10.86
CA THR B 248 31.11 16.69 11.34
C THR B 248 30.93 17.04 12.83
N PRO B 249 32.00 17.28 13.59
CA PRO B 249 31.85 17.54 15.03
C PRO B 249 30.76 18.52 15.46
N LYS B 250 30.55 19.60 14.74
CA LYS B 250 29.53 20.58 15.09
C LYS B 250 28.29 20.41 14.16
N GLY B 251 28.32 19.32 13.42
CA GLY B 251 27.30 19.04 12.39
C GLY B 251 25.90 18.72 12.93
N ARG B 252 24.94 18.75 12.01
CA ARG B 252 23.54 18.66 12.35
C ARG B 252 22.77 17.74 11.42
N VAL B 253 21.73 17.12 11.95
CA VAL B 253 20.82 16.30 11.13
C VAL B 253 19.49 17.02 11.08
N ILE B 254 18.93 17.11 9.86
CA ILE B 254 17.65 17.72 9.69
C ILE B 254 16.73 16.67 9.15
N LEU B 255 15.65 16.40 9.85
CA LEU B 255 14.67 15.44 9.34
C LEU B 255 13.63 16.20 8.54
N SER B 256 13.40 15.78 7.31
CA SER B 256 12.45 16.38 6.41
C SER B 256 11.72 15.27 5.70
N ALA B 257 11.35 14.23 6.44
CA ALA B 257 10.84 13.01 5.87
C ALA B 257 9.31 12.99 5.80
N GLY B 258 8.65 14.12 6.06
CA GLY B 258 7.22 14.21 6.04
C GLY B 258 6.58 13.78 7.36
N ALA B 259 5.28 14.04 7.44
CA ALA B 259 4.59 13.81 8.71
C ALA B 259 4.78 12.40 9.24
N PHE B 260 4.59 11.43 8.39
CA PHE B 260 4.69 10.06 8.80
C PHE B 260 6.12 9.57 8.82
N GLY B 261 6.91 10.02 7.86
CA GLY B 261 8.29 9.57 7.78
C GLY B 261 9.15 10.04 8.94
N THR B 262 9.01 11.32 9.26
CA THR B 262 9.82 11.93 10.33
C THR B 262 9.43 11.33 11.65
N SER B 263 8.14 11.21 11.87
CA SER B 263 7.67 10.64 13.13
C SER B 263 8.27 9.22 13.30
N ARG B 264 8.24 8.38 12.24
CA ARG B 264 8.82 7.08 12.34
C ARG B 264 10.31 7.08 12.66
N ILE B 265 11.07 7.94 11.99
CA ILE B 265 12.49 8.05 12.29
C ILE B 265 12.66 8.38 13.75
N LEU B 266 11.89 9.34 14.25
CA LEU B 266 12.02 9.74 15.65
C LEU B 266 11.74 8.59 16.57
N PHE B 267 10.62 7.88 16.34
CA PHE B 267 10.33 6.73 17.23
C PHE B 267 11.42 5.72 17.21
N GLN B 268 11.96 5.46 16.03
CA GLN B 268 13.02 4.49 15.84
C GLN B 268 14.37 4.97 16.40
N SER B 269 14.36 6.23 16.83
CA SER B 269 15.48 6.89 17.49
C SER B 269 15.19 7.07 18.99
N GLY B 270 14.12 6.47 19.47
CA GLY B 270 13.81 6.67 20.84
C GLY B 270 13.35 8.07 21.18
N ILE B 271 12.65 8.74 20.29
CA ILE B 271 12.10 10.06 20.51
C ILE B 271 10.63 10.04 20.19
N GLY B 272 9.75 10.29 21.16
CA GLY B 272 8.30 10.28 20.96
C GLY B 272 7.62 9.69 22.18
N PRO B 273 6.34 9.46 22.08
CA PRO B 273 5.57 8.88 23.17
C PRO B 273 6.00 7.44 23.49
N THR B 274 5.90 7.03 24.75
CA THR B 274 6.36 5.72 25.14
C THR B 274 5.68 4.58 24.40
N ASP B 275 4.38 4.68 24.15
CA ASP B 275 3.71 3.61 23.43
C ASP B 275 4.26 3.41 22.03
N MET B 276 4.72 4.47 21.38
CA MET B 276 5.33 4.36 20.03
C MET B 276 6.74 3.78 20.04
N ILE B 277 7.58 4.26 20.96
CA ILE B 277 8.87 3.67 21.10
C ILE B 277 8.75 2.18 21.48
N GLN B 278 7.76 1.81 22.36
CA GLN B 278 7.55 0.39 22.69
C GLN B 278 7.15 -0.37 21.46
N THR B 279 6.38 0.26 20.59
CA THR B 279 6.00 -0.39 19.34
C THR B 279 7.24 -0.76 18.53
N VAL B 280 8.16 0.19 18.43
CA VAL B 280 9.40 -0.08 17.74
C VAL B 280 10.12 -1.24 18.42
N GLN B 281 10.16 -1.19 19.76
CA GLN B 281 10.89 -2.14 20.52
C GLN B 281 10.32 -3.51 20.38
N SER B 282 9.06 -3.62 19.99
CA SER B 282 8.46 -4.93 19.76
C SER B 282 8.98 -5.62 18.51
N ASN B 283 9.68 -4.88 17.68
CA ASN B 283 10.35 -5.46 16.49
C ASN B 283 11.81 -5.74 16.89
N PRO B 284 12.20 -6.98 17.01
CA PRO B 284 13.54 -7.24 17.57
C PRO B 284 14.65 -6.57 16.82
N THR B 285 14.55 -6.49 15.52
CA THR B 285 15.58 -5.84 14.75
C THR B 285 15.68 -4.33 15.07
N ALA B 286 14.55 -3.66 15.02
CA ALA B 286 14.54 -2.24 15.29
C ALA B 286 14.89 -1.99 16.77
N ALA B 287 14.51 -2.94 17.65
CA ALA B 287 14.77 -2.79 19.09
C ALA B 287 16.30 -2.65 19.27
N ALA B 288 17.08 -3.39 18.48
CA ALA B 288 18.55 -3.35 18.66
C ALA B 288 19.20 -1.98 18.33
N ALA B 289 18.51 -1.16 17.57
CA ALA B 289 18.99 0.13 17.16
C ALA B 289 18.56 1.22 18.08
N LEU B 290 17.60 0.92 18.97
CA LEU B 290 17.14 1.91 19.93
C LEU B 290 18.24 2.24 20.94
N PRO B 291 18.27 3.48 21.41
CA PRO B 291 19.16 3.82 22.51
C PRO B 291 18.67 3.13 23.78
N PRO B 292 19.46 3.03 24.81
CA PRO B 292 18.91 2.52 26.08
C PRO B 292 17.72 3.42 26.55
N GLN B 293 16.78 2.78 27.22
CA GLN B 293 15.57 3.39 27.72
C GLN B 293 15.78 4.69 28.53
N ASN B 294 16.85 4.77 29.31
CA ASN B 294 17.10 5.97 30.12
C ASN B 294 17.50 7.18 29.27
N GLN B 295 17.67 6.97 27.95
CA GLN B 295 17.99 8.03 26.99
C GLN B 295 16.82 8.35 26.07
N TRP B 296 15.70 7.63 26.21
CA TRP B 296 14.50 7.98 25.42
C TRP B 296 14.03 9.40 25.77
N ILE B 297 13.55 10.13 24.78
CA ILE B 297 13.05 11.46 24.98
C ILE B 297 11.55 11.47 24.72
N ASN B 298 10.78 11.76 25.74
CA ASN B 298 9.36 11.76 25.66
C ASN B 298 8.84 13.04 25.12
N LEU B 299 8.48 13.07 23.86
CA LEU B 299 7.95 14.23 23.17
C LEU B 299 6.67 13.82 22.42
N PRO B 300 5.74 14.76 22.20
CA PRO B 300 4.48 14.43 21.57
C PRO B 300 4.55 14.28 20.04
N VAL B 301 5.46 13.44 19.62
CA VAL B 301 5.64 13.13 18.21
C VAL B 301 4.41 12.36 17.73
N GLY B 302 3.77 12.87 16.68
CA GLY B 302 2.57 12.28 16.09
C GLY B 302 1.31 12.80 16.75
N MET B 303 1.44 13.44 17.93
CA MET B 303 0.28 14.04 18.59
C MET B 303 -0.08 15.37 17.95
N ASN B 304 -1.29 15.86 18.21
CA ASN B 304 -1.80 17.13 17.67
C ASN B 304 -1.79 17.27 16.16
N ALA B 305 -1.81 16.11 15.52
CA ALA B 305 -1.88 16.08 14.06
C ALA B 305 -3.14 16.76 13.59
N GLN B 306 -3.05 17.50 12.48
CA GLN B 306 -4.17 18.19 11.95
C GLN B 306 -4.16 18.00 10.41
N ASP B 307 -5.35 17.80 9.87
CA ASP B 307 -5.62 17.70 8.44
C ASP B 307 -7.00 18.24 8.20
N ASN B 308 -7.26 18.84 7.07
CA ASN B 308 -8.55 19.49 6.81
C ASN B 308 -9.63 18.43 6.62
N PRO B 309 -10.81 18.67 7.14
CA PRO B 309 -11.92 17.78 6.83
C PRO B 309 -12.56 18.12 5.49
N SER B 310 -12.28 17.33 4.46
CA SER B 310 -12.79 17.55 3.13
C SER B 310 -14.12 16.83 2.86
N ILE B 311 -15.04 17.53 2.20
CA ILE B 311 -16.30 17.00 1.77
C ILE B 311 -16.52 17.34 0.32
N ASN B 312 -16.68 16.33 -0.51
CA ASN B 312 -16.95 16.52 -1.90
C ASN B 312 -18.44 16.69 -2.17
N LEU B 313 -18.81 17.70 -2.93
CA LEU B 313 -20.15 17.91 -3.48
C LEU B 313 -20.06 17.77 -5.00
N VAL B 314 -20.94 17.01 -5.64
CA VAL B 314 -20.89 16.79 -7.07
C VAL B 314 -22.09 17.39 -7.75
N PHE B 315 -21.86 18.06 -8.87
CA PHE B 315 -22.89 18.76 -9.59
C PHE B 315 -22.84 18.42 -11.05
N THR B 316 -23.90 18.78 -11.75
CA THR B 316 -23.93 18.79 -13.21
C THR B 316 -24.45 20.15 -13.69
N HIS B 317 -23.96 20.55 -14.85
CA HIS B 317 -24.49 21.75 -15.54
C HIS B 317 -24.21 21.51 -17.01
N PRO B 318 -25.11 21.86 -17.89
CA PRO B 318 -24.97 21.57 -19.30
C PRO B 318 -23.74 22.14 -19.97
N SER B 319 -23.16 23.19 -19.43
CA SER B 319 -22.00 23.81 -20.05
C SER B 319 -20.68 23.13 -19.66
N ILE B 320 -20.72 22.21 -18.72
CA ILE B 320 -19.48 21.60 -18.18
C ILE B 320 -18.93 20.55 -19.13
N ASP B 321 -17.58 20.49 -19.19
CA ASP B 321 -16.85 19.50 -19.93
C ASP B 321 -16.07 18.71 -18.90
N ALA B 322 -16.56 17.53 -18.60
CA ALA B 322 -15.94 16.70 -17.60
C ALA B 322 -14.65 16.03 -18.07
N TYR B 323 -14.28 16.22 -19.29
CA TYR B 323 -12.94 15.83 -19.76
C TYR B 323 -12.72 14.34 -19.58
N GLU B 324 -13.75 13.56 -19.93
CA GLU B 324 -13.70 12.10 -19.82
C GLU B 324 -13.38 11.66 -18.39
N ASN B 325 -13.67 12.52 -17.41
CA ASN B 325 -13.36 12.27 -16.02
C ASN B 325 -11.90 11.98 -15.75
N TRP B 326 -11.07 12.60 -16.61
CA TRP B 326 -9.63 12.44 -16.58
C TRP B 326 -9.15 11.01 -16.82
N ALA B 327 -10.04 10.14 -17.29
CA ALA B 327 -9.70 8.73 -17.40
C ALA B 327 -8.76 8.44 -18.54
N ASP B 328 -8.70 9.36 -19.54
CA ASP B 328 -7.99 9.10 -20.82
C ASP B 328 -6.71 9.88 -21.03
N VAL B 329 -6.34 10.71 -20.06
CA VAL B 329 -5.21 11.62 -20.27
C VAL B 329 -3.90 10.89 -20.39
N TRP B 330 -3.78 9.75 -19.77
CA TRP B 330 -2.51 9.05 -19.89
C TRP B 330 -2.44 8.23 -21.17
N SER B 331 -3.46 7.43 -21.39
CA SER B 331 -3.36 6.47 -22.49
C SER B 331 -3.92 6.88 -23.83
N ASN B 332 -4.86 7.82 -23.84
CA ASN B 332 -5.57 8.20 -25.06
C ASN B 332 -6.14 9.59 -24.97
N PRO B 333 -5.27 10.59 -24.82
CA PRO B 333 -5.75 11.96 -24.63
C PRO B 333 -6.41 12.52 -25.87
N ARG B 334 -7.15 13.58 -25.69
CA ARG B 334 -7.67 14.31 -26.84
C ARG B 334 -6.47 14.77 -27.64
N PRO B 335 -6.40 14.41 -28.91
CA PRO B 335 -5.15 14.64 -29.65
C PRO B 335 -4.73 16.09 -29.75
N ALA B 336 -5.66 17.01 -29.92
CA ALA B 336 -5.26 18.36 -30.13
C ALA B 336 -4.69 18.94 -28.84
N ASP B 337 -5.19 18.48 -27.70
CA ASP B 337 -4.71 18.98 -26.43
C ASP B 337 -3.33 18.45 -26.18
N ALA B 338 -3.12 17.16 -26.47
CA ALA B 338 -1.83 16.58 -26.31
C ALA B 338 -0.77 17.25 -27.20
N ALA B 339 -1.10 17.39 -28.46
CA ALA B 339 -0.22 18.04 -29.43
C ALA B 339 0.14 19.47 -29.04
N GLN B 340 -0.85 20.18 -28.55
CA GLN B 340 -0.63 21.53 -28.11
C GLN B 340 0.39 21.56 -27.00
N TYR B 341 0.24 20.65 -26.07
CA TYR B 341 1.12 20.62 -24.96
C TYR B 341 2.55 20.25 -25.40
N LEU B 342 2.67 19.30 -26.30
CA LEU B 342 4.01 18.96 -26.77
C LEU B 342 4.66 20.11 -27.52
N ALA B 343 3.86 20.87 -28.26
CA ALA B 343 4.41 21.95 -29.08
C ALA B 343 4.98 23.05 -28.29
N ASN B 344 4.26 23.46 -27.26
CA ASN B 344 4.77 24.62 -26.48
C ASN B 344 4.35 24.69 -25.03
N GLN B 345 3.88 23.57 -24.52
CA GLN B 345 3.46 23.48 -23.10
C GLN B 345 2.33 24.46 -22.77
N SER B 346 1.39 24.58 -23.69
CA SER B 346 0.16 25.33 -23.47
C SER B 346 -1.01 24.37 -23.53
N GLY B 347 -2.17 24.87 -23.11
CA GLY B 347 -3.39 24.14 -23.23
C GLY B 347 -3.83 23.50 -21.92
N VAL B 348 -4.80 22.62 -22.04
CA VAL B 348 -5.35 21.89 -20.90
C VAL B 348 -4.25 21.28 -20.06
N PHE B 349 -3.26 20.67 -20.67
CA PHE B 349 -2.28 19.90 -19.92
C PHE B 349 -1.31 20.76 -19.11
N ALA B 350 -1.32 22.08 -19.35
CA ALA B 350 -0.46 22.95 -18.53
C ALA B 350 -0.99 23.27 -17.14
N GLY B 351 -2.23 22.84 -16.82
CA GLY B 351 -2.73 23.05 -15.49
C GLY B 351 -3.18 21.70 -14.93
N ALA B 352 -3.18 21.59 -13.63
CA ALA B 352 -3.76 20.45 -13.03
C ALA B 352 -5.29 20.61 -13.10
N SER B 353 -6.00 19.69 -12.48
CA SER B 353 -7.45 19.71 -12.54
C SER B 353 -8.20 20.88 -11.88
N PRO B 354 -7.74 21.43 -10.77
CA PRO B 354 -8.48 22.51 -10.14
C PRO B 354 -8.59 23.72 -11.03
N LYS B 355 -9.75 24.39 -10.97
CA LYS B 355 -9.98 25.57 -11.80
C LYS B 355 -10.33 26.81 -11.01
N LEU B 356 -11.08 26.63 -9.92
CA LEU B 356 -11.56 27.81 -9.14
C LEU B 356 -11.37 27.50 -7.67
N ASN B 357 -10.91 28.45 -6.87
CA ASN B 357 -10.78 28.31 -5.44
C ASN B 357 -11.49 29.46 -4.76
N PHE B 358 -12.10 29.21 -3.62
CA PHE B 358 -12.78 30.27 -2.86
C PHE B 358 -12.66 30.04 -1.41
N TRP B 359 -12.78 31.14 -0.65
CA TRP B 359 -12.68 31.09 0.82
C TRP B 359 -13.78 31.95 1.46
N ARG B 360 -14.18 31.55 2.70
CA ARG B 360 -15.18 32.29 3.48
C ARG B 360 -14.89 32.08 4.96
N ALA B 361 -15.00 33.15 5.76
CA ALA B 361 -14.79 33.06 7.20
C ALA B 361 -16.12 32.88 7.91
N TYR B 362 -16.07 32.14 9.00
CA TYR B 362 -17.28 31.84 9.81
C TYR B 362 -16.95 32.12 11.24
N SER B 363 -17.94 32.71 11.93
CA SER B 363 -17.86 32.94 13.34
C SER B 363 -18.21 31.60 13.98
N GLY B 364 -17.58 31.30 15.09
CA GLY B 364 -17.86 30.08 15.86
C GLY B 364 -18.42 30.33 17.26
N SER B 365 -19.16 29.35 17.78
CA SER B 365 -19.75 29.49 19.10
C SER B 365 -18.65 29.46 20.17
N ASP B 366 -17.49 28.89 19.87
CA ASP B 366 -16.38 28.81 20.79
C ASP B 366 -15.42 29.97 20.67
N GLY B 367 -15.78 30.94 19.85
CA GLY B 367 -14.94 32.15 19.74
C GLY B 367 -13.84 32.10 18.69
N PHE B 368 -13.65 30.95 18.05
CA PHE B 368 -12.62 30.86 17.02
C PHE B 368 -13.20 31.16 15.62
N THR B 369 -12.52 32.00 14.82
CA THR B 369 -12.98 32.20 13.47
C THR B 369 -12.42 31.08 12.58
N ARG B 370 -13.28 30.42 11.84
CA ARG B 370 -12.85 29.33 10.96
C ARG B 370 -13.01 29.76 9.56
N TYR B 371 -12.11 29.26 8.71
CA TYR B 371 -12.28 29.50 7.29
C TYR B 371 -12.70 28.24 6.57
N ALA B 372 -13.56 28.37 5.60
CA ALA B 372 -13.85 27.30 4.63
C ALA B 372 -13.16 27.62 3.32
N GLN B 373 -12.73 26.55 2.63
CA GLN B 373 -12.16 26.65 1.32
C GLN B 373 -12.90 25.75 0.41
N GLY B 374 -13.19 26.25 -0.78
CA GLY B 374 -13.75 25.50 -1.89
C GLY B 374 -12.68 25.31 -2.96
N THR B 375 -12.66 24.17 -3.60
CA THR B 375 -11.84 23.86 -4.78
C THR B 375 -12.73 23.20 -5.79
N VAL B 376 -12.82 23.76 -6.98
CA VAL B 376 -13.71 23.33 -8.04
C VAL B 376 -12.86 22.67 -9.12
N ARG B 377 -13.27 21.50 -9.58
CA ARG B 377 -12.62 20.84 -10.66
C ARG B 377 -13.64 20.09 -11.52
N PRO B 378 -13.39 20.01 -12.84
CA PRO B 378 -14.26 19.17 -13.64
C PRO B 378 -14.02 17.70 -13.30
N GLY B 379 -15.06 16.88 -13.48
CA GLY B 379 -15.00 15.49 -13.12
C GLY B 379 -15.34 15.23 -11.68
N ALA B 380 -15.48 13.95 -11.32
CA ALA B 380 -15.76 13.54 -9.95
C ALA B 380 -15.22 12.14 -9.68
N ALA B 381 -14.73 11.92 -8.49
CA ALA B 381 -14.23 10.61 -8.07
C ALA B 381 -15.31 9.64 -7.72
N SER B 382 -16.34 10.13 -7.07
CA SER B 382 -17.45 9.30 -6.59
C SER B 382 -18.79 10.05 -6.72
N VAL B 383 -19.79 9.36 -7.21
CA VAL B 383 -21.13 9.90 -7.35
C VAL B 383 -22.07 8.86 -6.74
N ASN B 384 -23.00 9.33 -5.93
CA ASN B 384 -24.01 8.49 -5.32
C ASN B 384 -25.36 9.12 -5.62
N SER B 385 -25.88 8.90 -6.81
CA SER B 385 -27.17 9.49 -7.26
C SER B 385 -28.19 8.40 -7.59
N SER B 386 -29.40 8.59 -7.07
CA SER B 386 -30.52 7.67 -7.36
C SER B 386 -31.18 8.06 -8.70
N LEU B 387 -30.86 9.27 -9.20
CA LEU B 387 -31.39 9.76 -10.45
C LEU B 387 -30.36 9.72 -11.56
N PRO B 388 -30.77 9.54 -12.78
CA PRO B 388 -29.84 9.51 -13.90
C PRO B 388 -29.12 10.85 -14.03
N TYR B 389 -27.90 10.81 -14.53
CA TYR B 389 -27.16 12.04 -14.81
C TYR B 389 -26.28 11.83 -16.00
N ASN B 390 -25.88 12.94 -16.59
CA ASN B 390 -24.99 12.89 -17.71
C ASN B 390 -23.57 13.03 -17.18
N ALA B 391 -22.80 11.98 -17.35
CA ALA B 391 -21.45 11.93 -16.78
C ALA B 391 -20.52 12.92 -17.39
N SER B 392 -20.78 13.35 -18.62
CA SER B 392 -19.97 14.33 -19.32
C SER B 392 -20.14 15.72 -18.74
N GLN B 393 -21.09 15.92 -17.82
CA GLN B 393 -21.41 17.25 -17.26
C GLN B 393 -21.05 17.41 -15.81
N ILE B 394 -20.34 16.45 -15.21
CA ILE B 394 -20.04 16.46 -13.81
C ILE B 394 -18.85 17.27 -13.39
N PHE B 395 -18.99 17.92 -12.26
CA PHE B 395 -17.86 18.59 -11.65
C PHE B 395 -18.02 18.56 -10.14
N THR B 396 -16.91 18.76 -9.42
CA THR B 396 -16.85 18.66 -7.99
C THR B 396 -16.50 20.00 -7.35
N ILE B 397 -17.16 20.31 -6.25
CA ILE B 397 -16.68 21.33 -5.35
C ILE B 397 -16.28 20.60 -4.07
N THR B 398 -14.99 20.63 -3.75
CA THR B 398 -14.55 20.09 -2.52
C THR B 398 -14.47 21.18 -1.50
N VAL B 399 -15.15 21.02 -0.38
CA VAL B 399 -15.14 22.01 0.67
C VAL B 399 -14.41 21.46 1.86
N TYR B 400 -13.54 22.25 2.48
CA TYR B 400 -12.93 21.85 3.73
C TYR B 400 -12.89 23.07 4.64
N LEU B 401 -12.54 22.87 5.90
CA LEU B 401 -12.27 23.95 6.79
C LEU B 401 -10.78 23.98 7.00
N SER B 402 -10.27 25.17 7.38
CA SER B 402 -8.82 25.30 7.52
C SER B 402 -8.44 26.13 8.75
N THR B 403 -8.21 27.41 8.52
CA THR B 403 -7.87 28.29 9.64
C THR B 403 -8.96 28.15 10.77
N GLY B 404 -8.47 28.21 11.99
CA GLY B 404 -9.26 28.25 13.19
C GLY B 404 -9.81 26.94 13.66
N ILE B 405 -9.76 25.87 12.86
CA ILE B 405 -10.33 24.60 13.41
C ILE B 405 -9.65 24.11 14.69
N GLN B 406 -10.42 23.43 15.55
CA GLN B 406 -9.91 22.97 16.79
C GLN B 406 -9.65 21.48 16.86
N SER B 407 -10.13 20.73 15.85
CA SER B 407 -9.88 19.30 15.82
C SER B 407 -8.39 18.94 15.74
N ARG B 408 -7.99 17.98 16.54
CA ARG B 408 -6.66 17.41 16.52
C ARG B 408 -6.85 15.89 16.53
N GLY B 409 -5.94 15.20 15.86
CA GLY B 409 -5.86 13.76 15.88
C GLY B 409 -4.46 13.30 16.20
N ARG B 410 -4.18 12.07 15.81
CA ARG B 410 -2.91 11.46 16.14
C ARG B 410 -2.42 10.50 15.04
N ILE B 411 -1.15 10.64 14.69
CA ILE B 411 -0.49 9.73 13.76
C ILE B 411 0.60 9.01 14.47
N GLY B 412 0.99 7.85 13.96
CA GLY B 412 2.09 7.10 14.51
C GLY B 412 2.39 5.86 13.68
N ILE B 413 2.81 4.76 14.32
CA ILE B 413 3.10 3.53 13.62
C ILE B 413 2.30 2.42 14.22
N ASP B 414 2.12 1.37 13.45
CA ASP B 414 1.51 0.16 13.95
C ASP B 414 2.58 -0.87 14.20
N ALA B 415 2.17 -2.06 14.61
CA ALA B 415 3.13 -3.09 14.95
C ALA B 415 4.02 -3.47 13.79
N ALA B 416 3.53 -3.30 12.56
CA ALA B 416 4.37 -3.56 11.38
C ALA B 416 5.28 -2.37 10.99
N LEU B 417 5.28 -1.35 11.85
CA LEU B 417 6.09 -0.15 11.64
C LEU B 417 5.64 0.67 10.44
N ARG B 418 4.39 0.49 10.03
CA ARG B 418 3.83 1.34 9.04
C ARG B 418 3.33 2.65 9.61
N GLY B 419 3.46 3.73 8.85
CA GLY B 419 2.89 5.00 9.29
C GLY B 419 1.40 4.95 9.14
N THR B 420 0.67 5.36 10.17
CA THR B 420 -0.71 5.25 10.12
C THR B 420 -1.41 6.30 10.96
N VAL B 421 -2.70 6.43 10.73
CA VAL B 421 -3.52 7.37 11.48
C VAL B 421 -4.10 6.61 12.67
N LEU B 422 -3.66 6.98 13.86
CA LEU B 422 -4.10 6.35 15.08
C LEU B 422 -5.43 6.89 15.64
N THR B 423 -5.62 8.20 15.52
CA THR B 423 -6.85 8.89 15.90
C THR B 423 -7.20 9.82 14.79
N PRO B 424 -8.25 9.53 14.06
CA PRO B 424 -8.66 10.39 12.95
C PRO B 424 -8.82 11.86 13.41
N PRO B 425 -8.28 12.79 12.66
CA PRO B 425 -8.37 14.22 13.10
C PRO B 425 -9.59 15.00 12.66
N TRP B 426 -10.44 14.38 11.86
CA TRP B 426 -11.54 15.05 11.23
C TRP B 426 -12.77 15.10 12.11
N LEU B 427 -13.24 16.32 12.35
CA LEU B 427 -14.53 16.53 13.07
C LEU B 427 -14.51 15.96 14.48
N VAL B 428 -13.38 16.01 15.11
CA VAL B 428 -13.29 15.61 16.50
C VAL B 428 -14.00 16.66 17.36
N ASN B 429 -13.79 17.90 16.99
CA ASN B 429 -14.43 19.04 17.69
C ASN B 429 -15.80 19.29 17.11
N PRO B 430 -16.82 19.34 17.98
CA PRO B 430 -18.18 19.47 17.48
C PRO B 430 -18.47 20.82 16.74
N VAL B 431 -17.85 21.92 17.17
CA VAL B 431 -18.07 23.22 16.52
C VAL B 431 -17.48 23.16 15.06
N ASP B 432 -16.34 22.48 14.90
CA ASP B 432 -15.84 22.26 13.53
C ASP B 432 -16.92 21.67 12.66
N LYS B 433 -17.60 20.63 13.17
CA LYS B 433 -18.66 20.05 12.39
C LYS B 433 -19.84 20.98 12.05
N THR B 434 -20.28 21.70 13.08
CA THR B 434 -21.37 22.64 12.91
C THR B 434 -21.06 23.64 11.80
N VAL B 435 -19.85 24.14 11.83
CA VAL B 435 -19.40 25.19 10.88
C VAL B 435 -19.26 24.61 9.48
N LEU B 436 -18.75 23.37 9.42
CA LEU B 436 -18.66 22.70 8.15
C LEU B 436 -20.02 22.61 7.48
N LEU B 437 -21.00 22.14 8.27
CA LEU B 437 -22.37 22.07 7.74
C LEU B 437 -22.91 23.42 7.28
N GLN B 438 -22.63 24.47 8.06
CA GLN B 438 -23.05 25.78 7.66
C GLN B 438 -22.41 26.19 6.37
N ALA B 439 -21.12 25.88 6.23
CA ALA B 439 -20.42 26.25 5.01
C ALA B 439 -20.97 25.50 3.77
N LEU B 440 -21.28 24.20 3.93
CA LEU B 440 -21.86 23.44 2.85
C LEU B 440 -23.23 23.99 2.43
N HIS B 441 -24.04 24.26 3.44
CA HIS B 441 -25.32 24.86 3.19
C HIS B 441 -25.17 26.19 2.40
N ASP B 442 -24.22 27.00 2.80
CA ASP B 442 -24.01 28.31 2.14
C ASP B 442 -23.62 28.10 0.69
N VAL B 443 -22.75 27.12 0.43
CA VAL B 443 -22.34 26.91 -0.95
C VAL B 443 -23.50 26.62 -1.87
N VAL B 444 -24.52 25.87 -1.39
CA VAL B 444 -25.60 25.46 -2.25
C VAL B 444 -26.87 26.31 -2.05
N SER B 445 -26.76 27.31 -1.18
CA SER B 445 -27.93 28.14 -0.84
C SER B 445 -28.67 28.73 -2.00
N ASN B 446 -27.92 29.16 -3.03
CA ASN B 446 -28.54 29.77 -4.20
C ASN B 446 -28.41 28.95 -5.47
N ILE B 447 -28.34 27.65 -5.33
CA ILE B 447 -28.24 26.82 -6.47
C ILE B 447 -29.37 27.00 -7.47
N GLY B 448 -30.58 27.29 -6.98
CA GLY B 448 -31.73 27.42 -7.86
C GLY B 448 -31.64 28.63 -8.78
N SER B 449 -30.78 29.56 -8.42
CA SER B 449 -30.60 30.77 -9.22
C SER B 449 -29.73 30.58 -10.48
N ILE B 450 -29.13 29.40 -10.62
CA ILE B 450 -28.33 29.12 -11.75
C ILE B 450 -29.02 28.10 -12.60
N PRO B 451 -29.56 28.49 -13.71
CA PRO B 451 -30.27 27.56 -14.56
C PRO B 451 -29.40 26.38 -14.97
N GLY B 452 -29.96 25.21 -14.84
CA GLY B 452 -29.28 24.01 -15.29
C GLY B 452 -28.30 23.41 -14.29
N LEU B 453 -28.10 24.06 -13.18
CA LEU B 453 -27.21 23.57 -12.13
C LEU B 453 -27.94 22.55 -11.21
N THR B 454 -27.41 21.32 -11.08
CA THR B 454 -28.02 20.33 -10.21
C THR B 454 -26.96 19.69 -9.33
N MET B 455 -27.28 19.52 -8.06
CA MET B 455 -26.39 18.80 -7.15
C MET B 455 -26.81 17.35 -7.20
N ILE B 456 -25.88 16.49 -7.63
CA ILE B 456 -26.15 15.07 -7.80
C ILE B 456 -25.59 14.19 -6.69
N THR B 457 -24.71 14.73 -5.84
CA THR B 457 -24.24 14.03 -4.66
C THR B 457 -23.83 15.06 -3.64
N PRO B 458 -24.56 15.17 -2.51
CA PRO B 458 -25.77 14.38 -2.25
C PRO B 458 -26.89 14.76 -3.17
N ASP B 459 -27.69 13.77 -3.62
CA ASP B 459 -28.80 14.05 -4.52
C ASP B 459 -29.97 14.62 -3.71
N VAL B 460 -31.04 14.93 -4.43
CA VAL B 460 -32.21 15.59 -3.84
C VAL B 460 -32.87 14.81 -2.69
N THR B 461 -32.67 13.51 -2.63
CA THR B 461 -33.26 12.73 -1.54
C THR B 461 -32.43 12.67 -0.27
N GLN B 462 -31.20 13.19 -0.33
CA GLN B 462 -30.34 13.17 0.85
C GLN B 462 -29.95 14.56 1.33
N THR B 463 -30.14 14.82 2.60
CA THR B 463 -29.76 16.13 3.14
C THR B 463 -28.27 16.22 3.35
N LEU B 464 -27.75 17.44 3.46
CA LEU B 464 -26.36 17.61 3.75
C LEU B 464 -25.96 17.02 5.08
N GLU B 465 -26.86 17.10 6.07
CA GLU B 465 -26.59 16.56 7.36
C GLU B 465 -26.45 15.04 7.26
N GLU B 466 -27.34 14.45 6.51
CA GLU B 466 -27.30 12.98 6.33
C GLU B 466 -26.02 12.58 5.59
N TYR B 467 -25.68 13.40 4.60
CA TYR B 467 -24.48 13.18 3.79
C TYR B 467 -23.22 13.13 4.62
N VAL B 468 -23.03 14.18 5.42
CA VAL B 468 -21.86 14.26 6.28
C VAL B 468 -21.83 13.13 7.31
N ASP B 469 -22.99 12.77 7.89
CA ASP B 469 -22.97 11.71 8.89
C ASP B 469 -22.68 10.31 8.35
N ALA B 470 -23.02 10.10 7.09
CA ALA B 470 -22.76 8.86 6.41
C ALA B 470 -21.44 8.81 5.68
N TYR B 471 -20.75 9.92 5.64
CA TYR B 471 -19.48 9.99 4.91
C TYR B 471 -18.37 9.20 5.62
N ASP B 472 -17.54 8.49 4.88
CA ASP B 472 -16.48 7.73 5.48
C ASP B 472 -15.40 8.66 6.00
N PRO B 473 -15.13 8.64 7.29
CA PRO B 473 -14.17 9.58 7.85
C PRO B 473 -12.83 9.56 7.11
N ALA B 474 -12.33 8.38 6.74
CA ALA B 474 -11.06 8.27 6.12
C ALA B 474 -11.02 9.00 4.77
N THR B 475 -12.17 9.21 4.12
CA THR B 475 -12.18 9.86 2.85
C THR B 475 -12.22 11.38 3.00
N MET B 476 -12.31 11.85 4.22
CA MET B 476 -12.22 13.29 4.50
C MET B 476 -10.75 13.74 4.45
N ASN B 477 -9.81 12.82 4.39
CA ASN B 477 -8.36 13.13 4.34
C ASN B 477 -8.05 14.04 3.17
N SER B 478 -7.44 15.17 3.49
CA SER B 478 -7.08 16.17 2.53
C SER B 478 -5.62 16.10 2.11
N ASN B 479 -4.87 15.17 2.70
CA ASN B 479 -3.43 15.02 2.47
C ASN B 479 -2.65 16.25 2.82
N HIS B 480 -3.12 16.99 3.84
CA HIS B 480 -2.45 18.21 4.24
C HIS B 480 -1.86 18.14 5.67
N TRP B 481 -1.40 17.00 6.09
CA TRP B 481 -0.89 16.78 7.45
C TRP B 481 0.08 17.79 7.96
N VAL B 482 -0.23 18.34 9.12
CA VAL B 482 0.60 19.30 9.86
C VAL B 482 0.57 19.02 11.32
N SER B 483 1.50 19.62 12.01
CA SER B 483 1.55 19.65 13.49
C SER B 483 1.96 18.41 14.22
N SER B 484 2.28 17.32 13.55
CA SER B 484 2.73 16.14 14.21
C SER B 484 4.06 16.23 14.91
N THR B 485 4.87 17.24 14.56
CA THR B 485 6.09 17.53 15.30
C THR B 485 6.09 19.04 15.49
N THR B 486 5.04 19.52 16.11
CA THR B 486 4.83 20.94 16.14
C THR B 486 5.92 21.75 16.82
N ILE B 487 6.12 22.93 16.23
CA ILE B 487 6.90 23.95 16.88
C ILE B 487 6.14 24.45 18.10
N GLY B 488 6.92 24.94 19.07
CA GLY B 488 6.33 25.46 20.32
C GLY B 488 7.40 25.86 21.33
N SER B 489 7.01 26.09 22.58
CA SER B 489 7.94 26.58 23.58
C SER B 489 8.17 25.60 24.68
N SER B 490 7.40 24.52 24.73
CA SER B 490 7.54 23.49 25.74
C SER B 490 7.54 22.05 25.21
N PRO B 491 8.41 21.20 25.71
CA PRO B 491 8.40 19.77 25.34
C PRO B 491 7.15 19.03 25.82
N GLN B 492 6.34 19.66 26.69
CA GLN B 492 5.11 19.02 27.10
C GLN B 492 4.06 19.09 25.99
N SER B 493 4.18 20.09 25.10
CA SER B 493 3.15 20.30 24.11
C SER B 493 3.70 20.47 22.67
N ALA B 494 5.02 20.40 22.56
CA ALA B 494 5.69 20.57 21.27
C ALA B 494 6.90 19.68 21.11
N VAL B 495 7.33 19.49 19.85
CA VAL B 495 8.48 18.69 19.55
C VAL B 495 9.77 19.46 19.21
N VAL B 496 9.60 20.62 18.58
CA VAL B 496 10.74 21.47 18.19
C VAL B 496 10.56 22.85 18.72
N ASP B 497 11.70 23.48 18.96
CA ASP B 497 11.74 24.91 19.42
C ASP B 497 11.72 25.95 18.33
N SER B 498 11.92 27.21 18.73
CA SER B 498 11.87 28.32 17.79
C SER B 498 12.92 28.29 16.72
N ASN B 499 13.90 27.44 16.88
CA ASN B 499 14.91 27.20 15.88
C ASN B 499 14.78 25.80 15.24
N VAL B 500 13.57 25.26 15.33
CA VAL B 500 13.25 23.87 14.85
C VAL B 500 14.16 22.79 15.30
N LYS B 501 14.76 22.96 16.49
CA LYS B 501 15.59 21.95 17.07
C LYS B 501 14.71 21.08 17.97
N VAL B 502 14.87 19.75 17.89
CA VAL B 502 14.09 18.83 18.67
C VAL B 502 14.52 18.97 20.13
N PHE B 503 13.53 19.11 21.00
CA PHE B 503 13.82 19.21 22.44
C PHE B 503 14.60 18.02 22.90
N GLY B 504 15.56 18.25 23.80
CA GLY B 504 16.38 17.14 24.28
C GLY B 504 17.60 16.80 23.47
N THR B 505 17.77 17.51 22.37
CA THR B 505 18.91 17.29 21.53
C THR B 505 19.68 18.54 21.31
N ASN B 506 20.94 18.34 20.98
CA ASN B 506 21.84 19.41 20.66
C ASN B 506 21.80 19.83 19.20
N ASN B 507 21.50 18.85 18.33
CA ASN B 507 21.76 19.01 16.93
C ASN B 507 20.83 18.30 15.97
N LEU B 508 19.63 18.03 16.42
CA LEU B 508 18.60 17.40 15.57
C LEU B 508 17.54 18.42 15.34
N PHE B 509 17.14 18.58 14.05
CA PHE B 509 16.22 19.56 13.64
C PHE B 509 15.15 18.92 12.72
N ILE B 510 14.03 19.61 12.59
CA ILE B 510 12.95 19.13 11.65
C ILE B 510 12.58 20.29 10.74
N VAL B 511 12.56 20.03 9.43
CA VAL B 511 12.05 20.99 8.52
C VAL B 511 11.12 20.26 7.56
N ASP B 512 9.87 20.24 7.92
CA ASP B 512 8.82 19.63 7.11
C ASP B 512 7.48 20.00 7.69
N ALA B 513 6.40 19.51 7.13
CA ALA B 513 5.09 20.01 7.50
C ALA B 513 4.74 19.77 8.94
N GLY B 514 5.39 18.80 9.52
CA GLY B 514 5.09 18.49 10.91
C GLY B 514 5.31 19.65 11.87
N ILE B 515 6.17 20.60 11.51
CA ILE B 515 6.41 21.71 12.43
C ILE B 515 5.29 22.72 12.44
N ILE B 516 4.53 22.82 11.36
CA ILE B 516 3.50 23.84 11.22
C ILE B 516 2.46 23.59 12.34
N PRO B 517 2.19 24.58 13.17
CA PRO B 517 1.33 24.35 14.32
C PRO B 517 -0.15 24.31 14.10
N HIS B 518 -0.67 24.76 12.97
CA HIS B 518 -2.04 24.75 12.62
C HIS B 518 -2.12 24.83 11.10
N LEU B 519 -3.12 24.20 10.54
CA LEU B 519 -3.38 24.32 9.10
C LEU B 519 -3.54 25.78 8.71
N PRO B 520 -2.90 26.20 7.64
CA PRO B 520 -3.12 27.56 7.11
C PRO B 520 -4.40 27.68 6.35
N THR B 521 -4.76 28.86 5.86
CA THR B 521 -6.02 29.07 5.21
C THR B 521 -6.18 28.22 3.97
N GLY B 522 -5.14 28.19 3.16
CA GLY B 522 -5.21 27.42 1.93
C GLY B 522 -4.43 26.13 2.00
N ASN B 523 -4.46 25.39 0.89
CA ASN B 523 -3.61 24.20 0.82
C ASN B 523 -2.18 24.58 1.28
N PRO B 524 -1.47 23.74 2.00
CA PRO B 524 -0.31 24.18 2.79
C PRO B 524 1.05 24.31 2.15
N GLN B 525 1.22 23.84 0.93
CA GLN B 525 2.59 23.80 0.40
C GLN B 525 3.25 25.20 0.38
N GLY B 526 2.49 26.22 0.04
CA GLY B 526 3.04 27.57 0.03
C GLY B 526 3.49 28.03 1.42
N THR B 527 2.69 27.69 2.42
CA THR B 527 3.07 27.98 3.77
C THR B 527 4.31 27.19 4.23
N LEU B 528 4.38 25.90 3.94
CA LEU B 528 5.52 25.10 4.31
C LEU B 528 6.78 25.63 3.65
N MET B 529 6.68 26.00 2.39
CA MET B 529 7.89 26.45 1.67
C MET B 529 8.41 27.75 2.26
N SER B 530 7.50 28.63 2.61
CA SER B 530 7.90 29.86 3.33
C SER B 530 8.49 29.50 4.66
N ALA B 531 7.88 28.58 5.37
CA ALA B 531 8.43 28.18 6.65
C ALA B 531 9.79 27.52 6.55
N ALA B 532 10.02 26.82 5.44
CA ALA B 532 11.28 26.19 5.20
C ALA B 532 12.38 27.20 4.96
N GLU B 533 12.02 28.24 4.25
CA GLU B 533 12.97 29.34 4.03
C GLU B 533 13.32 29.92 5.42
N GLN B 534 12.30 30.21 6.22
CA GLN B 534 12.51 30.79 7.56
C GLN B 534 13.33 29.82 8.40
N ALA B 535 13.04 28.50 8.35
CA ALA B 535 13.74 27.56 9.14
C ALA B 535 15.24 27.49 8.79
N ALA B 536 15.55 27.52 7.50
CA ALA B 536 16.90 27.47 7.10
C ALA B 536 17.67 28.68 7.65
N ALA B 537 17.01 29.82 7.58
CA ALA B 537 17.62 31.07 8.06
C ALA B 537 17.90 30.93 9.60
N LYS B 538 16.90 30.43 10.34
CA LYS B 538 17.07 30.22 11.78
C LYS B 538 18.20 29.24 12.07
N ILE B 539 18.27 28.14 11.35
CA ILE B 539 19.27 27.19 11.60
C ILE B 539 20.65 27.79 11.33
N LEU B 540 20.77 28.51 10.23
CA LEU B 540 22.03 29.14 9.89
C LEU B 540 22.44 30.16 10.95
N ALA B 541 21.47 30.85 11.53
CA ALA B 541 21.73 31.90 12.52
C ALA B 541 21.94 31.34 13.92
N LEU B 542 21.65 30.06 14.11
CA LEU B 542 21.79 29.44 15.40
C LEU B 542 23.21 29.09 15.69
N ALA B 543 23.78 29.78 16.68
CA ALA B 543 25.19 29.56 16.98
C ALA B 543 25.55 28.16 17.42
N GLY B 544 26.78 27.76 17.16
CA GLY B 544 27.30 26.50 17.60
C GLY B 544 27.28 25.51 16.48
N GLY B 545 26.83 25.98 15.32
CA GLY B 545 26.71 25.14 14.13
C GLY B 545 28.02 25.02 13.36
N PRO B 546 28.00 24.18 12.35
CA PRO B 546 29.17 23.93 11.52
C PRO B 546 29.35 25.06 10.52
C1 NAG C . -26.37 -8.76 -27.50
C2 NAG C . -26.55 -7.82 -28.64
C3 NAG C . -27.92 -8.07 -29.30
C4 NAG C . -28.07 -9.59 -29.57
C5 NAG C . -27.76 -10.40 -28.32
C6 NAG C . -27.86 -11.90 -28.51
C7 NAG C . -25.44 -5.66 -28.48
C8 NAG C . -25.53 -4.16 -28.32
N2 NAG C . -26.50 -6.44 -28.16
O3 NAG C . -28.13 -7.30 -30.52
O4 NAG C . -29.37 -9.87 -29.86
O5 NAG C . -26.44 -10.06 -28.00
O6 NAG C . -27.02 -12.31 -29.56
O7 NAG C . -24.41 -6.14 -28.95
C1 NAG D . 1.91 -6.81 25.90
C2 NAG D . 0.41 -7.06 25.78
C3 NAG D . -0.29 -6.47 27.02
C4 NAG D . 0.28 -7.14 28.23
C5 NAG D . 1.83 -7.06 28.21
C6 NAG D . 2.46 -7.88 29.32
C7 NAG D . -0.89 -7.16 23.73
C8 NAG D . -1.41 -6.35 22.58
N2 NAG D . -0.13 -6.47 24.58
O3 NAG D . -1.68 -6.67 26.97
O4 NAG D . -0.31 -6.58 29.41
O5 NAG D . 2.37 -7.56 27.02
O6 NAG D . 3.86 -7.71 29.30
O7 NAG D . -1.17 -8.39 23.85
C1 NAG E . 22.52 -15.05 23.85
C2 NAG E . 23.84 -14.96 24.67
C3 NAG E . 25.00 -15.62 23.91
C4 NAG E . 24.64 -17.06 23.59
C5 NAG E . 23.33 -17.05 22.79
C6 NAG E . 22.86 -18.43 22.31
C7 NAG E . 24.33 -13.38 26.45
C8 NAG E . 25.77 -13.39 26.93
N2 NAG E . 24.13 -13.61 25.12
O3 NAG E . 26.20 -15.62 24.67
O4 NAG E . 25.71 -17.70 22.91
O5 NAG E . 22.30 -16.45 23.59
O6 NAG E . 22.28 -19.16 23.37
O7 NAG E . 23.42 -13.22 27.29
C1 MAN F . -2.57 -10.94 -32.27
C2 MAN F . -1.73 -9.85 -32.95
C3 MAN F . -1.61 -10.17 -34.42
C4 MAN F . -1.01 -11.57 -34.58
C5 MAN F . -1.84 -12.56 -33.79
C6 MAN F . -1.27 -13.96 -33.90
O2 MAN F . -0.43 -9.82 -32.40
O3 MAN F . -0.72 -9.22 -34.93
O4 MAN F . -1.05 -12.00 -35.94
O5 MAN F . -1.85 -12.18 -32.42
O6 MAN F . -1.51 -14.64 -32.66
HG HG G . -7.56 -36.78 6.21
HG HG H . 8.59 2.21 -12.44
HG HG I . 25.14 -12.17 -13.72
HG HG J . -33.20 -21.06 -11.20
HG HG K . -32.89 -16.25 -10.66
HG HG L . -29.65 -22.26 -12.41
N1 6FA M . 0.39 -21.01 0.58
C2 6FA M . 0.97 -22.15 0.90
O2 6FA M . 0.45 -23.25 0.60
N3 6FA M . 2.24 -22.09 1.43
C4 6FA M . 2.75 -20.99 2.08
O4 6FA M . 3.86 -21.01 2.60
C4A 6FA M . 2.01 -19.74 1.85
N5 6FA M . 2.46 -18.55 2.32
C5A 6FA M . 1.95 -17.44 1.75
C6 6FA M . 2.63 -16.19 2.13
O6 6FA M . 3.66 -16.25 2.94
C7 6FA M . 2.18 -14.97 1.48
C7M 6FA M . 2.88 -13.67 1.78
C8 6FA M . 1.16 -15.08 0.45
C8M 6FA M . 0.68 -13.79 -0.18
C9 6FA M . 0.51 -16.30 0.27
C9A 6FA M . 0.98 -17.46 0.85
N10 6FA M . 0.25 -18.67 0.69
C10 6FA M . 0.92 -19.82 1.04
C1' 6FA M . -0.92 -18.71 -0.13
C2' 6FA M . -0.79 -19.01 -1.62
O2' 6FA M . 0.38 -18.39 -2.13
C3' 6FA M . -2.04 -18.48 -2.30
O3' 6FA M . -3.20 -19.08 -1.77
C4' 6FA M . -2.06 -18.68 -3.79
O4' 6FA M . -0.94 -18.05 -4.42
C5' 6FA M . -3.31 -18.09 -4.47
O5' 6FA M . -3.25 -18.39 -5.86
P 6FA M . -4.26 -17.69 -6.86
O1P 6FA M . -4.04 -18.35 -8.18
O2P 6FA M . -5.63 -17.65 -6.28
O3P 6FA M . -3.85 -16.13 -6.81
PA 6FA M . -2.48 -15.34 -6.74
O1A 6FA M . -2.75 -14.12 -5.91
O2A 6FA M . -1.34 -16.25 -6.42
O5B 6FA M . -2.23 -14.88 -8.26
C5B 6FA M . -3.05 -13.97 -8.97
C4B 6FA M . -2.28 -13.27 -10.06
O4B 6FA M . -3.18 -12.57 -10.89
C3B 6FA M . -1.14 -12.43 -9.75
O3B 6FA M . 0.06 -12.71 -10.22
C2B 6FA M . -1.60 -11.11 -10.10
O2B 6FA M . -0.77 -10.10 -10.28
C1B 6FA M . -2.60 -11.29 -11.10
N9A 6FA M . -3.64 -10.37 -11.29
C8A 6FA M . -4.43 -9.93 -10.26
N7A 6FA M . -5.39 -9.11 -10.73
C5X 6FA M . -5.18 -8.96 -12.05
C6A 6FA M . -5.84 -8.19 -13.09
N6A 6FA M . -6.90 -7.40 -12.79
N1A 6FA M . -5.29 -8.29 -14.32
C2A 6FA M . -4.24 -9.09 -14.61
N3A 6FA M . -3.62 -9.83 -13.69
C4X 6FA M . -4.06 -9.80 -12.42
SD EMT N . -31.40 -17.75 -10.82
HG EMT N . -31.44 -18.61 -8.64
CE1 EMT N . -29.74 -17.30 -11.13
CD1 EMT N . -29.05 -18.02 -12.10
CG1 EMT N . -27.72 -17.58 -12.35
CD2 EMT N . -27.14 -16.57 -11.61
CE2 EMT N . -27.79 -15.88 -10.65
CZ EMT N . -29.06 -16.25 -10.38
CG EMT N . -29.77 -15.52 -9.36
OD2 EMT N . -29.70 -14.51 -9.06
OD1 EMT N . -30.57 -15.84 -8.69
C1 NAG O . -26.32 7.26 -1.18
C2 NAG O . -26.09 7.52 0.29
C3 NAG O . -27.28 6.94 1.10
C4 NAG O . -28.48 7.62 0.63
C5 NAG O . -28.59 7.40 -0.87
C6 NAG O . -29.81 8.18 -1.38
C7 NAG O . -23.94 7.69 1.48
C8 NAG O . -22.68 6.98 1.89
N2 NAG O . -24.82 6.99 0.77
O3 NAG O . -27.07 7.16 2.47
O4 NAG O . -29.63 7.07 1.27
O5 NAG O . -27.49 7.92 -1.58
O6 NAG O . -29.69 8.37 -2.78
O7 NAG O . -24.09 8.91 1.79
C1 NAG P . -24.28 14.92 -22.09
C2 NAG P . -25.16 14.85 -23.32
C3 NAG P . -24.45 15.40 -24.55
C4 NAG P . -24.08 16.86 -24.30
C5 NAG P . -23.24 16.84 -23.02
C6 NAG P . -22.72 18.24 -22.69
C7 NAG P . -26.78 13.08 -23.63
C8 NAG P . -26.97 11.61 -23.51
N2 NAG P . -25.52 13.48 -23.56
O3 NAG P . -25.31 15.27 -25.63
O4 NAG P . -23.37 17.38 -25.41
O5 NAG P . -24.03 16.30 -21.95
O6 NAG P . -23.69 18.95 -21.92
O7 NAG P . -27.76 13.82 -23.77
C1 MAN Q . 35.94 -1.80 3.27
C2 MAN Q . 35.00 -2.56 2.35
C3 MAN Q . 35.59 -3.94 2.10
C4 MAN Q . 36.99 -3.75 1.45
C5 MAN Q . 37.85 -2.83 2.32
C6 MAN Q . 39.16 -2.47 1.68
O2 MAN Q . 34.78 -1.77 1.16
O3 MAN Q . 34.69 -4.73 1.30
O4 MAN Q . 37.62 -5.01 1.26
O5 MAN Q . 37.19 -1.62 2.64
O6 MAN Q . 39.97 -1.93 2.74
C1 MAN R . 37.95 7.66 5.93
C2 MAN R . 38.23 8.80 6.91
C3 MAN R . 37.12 9.82 6.89
C4 MAN R . 36.89 10.27 5.44
C5 MAN R . 36.63 9.05 4.56
C6 MAN R . 36.36 9.47 3.12
O2 MAN R . 39.44 9.42 6.46
O3 MAN R . 37.44 10.94 7.70
O4 MAN R . 35.75 11.10 5.38
O5 MAN R . 37.82 8.25 4.64
O6 MAN R . 36.88 8.46 2.27
C1 MAN S . 32.32 11.49 0.74
C2 MAN S . 33.09 10.45 -0.02
C3 MAN S . 34.55 10.85 -0.24
C4 MAN S . 34.63 12.28 -0.79
C5 MAN S . 33.80 13.25 0.06
C6 MAN S . 33.81 14.66 -0.55
O2 MAN S . 32.48 10.40 -1.28
O3 MAN S . 35.16 9.91 -1.13
O4 MAN S . 35.96 12.80 -0.78
O5 MAN S . 32.47 12.78 0.13
O6 MAN S . 32.57 15.28 -0.27
HG HG T . -5.39 37.04 6.89
HG HG U . 12.02 -2.67 -9.16
HG HG V . 29.41 28.19 12.43
N1 6FA W . -0.53 20.87 -0.86
C2 6FA W . -0.82 21.97 -1.53
O2 6FA W . -0.49 23.06 -1.02
N3 6FA W . -1.41 21.95 -2.75
C4 6FA W . -2.02 20.86 -3.24
O4 6FA W . -2.61 20.90 -4.32
C4A 6FA W . -1.78 19.63 -2.47
N5 6FA W . -2.33 18.41 -2.90
C5A 6FA W . -1.79 17.30 -2.32
C6 6FA W . -2.12 16.04 -3.00
O6 6FA W . -2.96 16.06 -3.96
C7 6FA W . -1.48 14.82 -2.57
C7M 6FA W . -1.90 13.53 -3.24
C8 6FA W . -0.54 14.87 -1.46
C8M 6FA W . 0.12 13.61 -1.01
C9 6FA W . -0.19 16.11 -0.92
C9A 6FA W . -0.84 17.27 -1.33
N10 6FA W . -0.62 18.54 -0.65
C10 6FA W . -0.94 19.65 -1.39
C1' 6FA W . 0.20 18.58 0.53
C2' 6FA W . 1.71 18.83 0.34
O2' 6FA W . 2.15 18.23 -0.89
C3' 6FA W . 2.48 18.34 1.55
O3' 6FA W . 1.92 19.06 2.65
C4' 6FA W . 3.97 18.55 1.39
O4' 6FA W . 4.54 17.87 0.28
C5' 6FA W . 4.67 18.06 2.62
O5' 6FA W . 6.07 18.26 2.53
P 6FA W . 7.05 17.60 3.53
O1P 6FA W . 8.40 18.16 3.21
O2P 6FA W . 6.51 17.60 4.92
O3P 6FA W . 7.05 16.05 3.16
PA 6FA W . 6.89 15.20 1.79
O1A 6FA W . 6.06 13.99 2.12
O2A 6FA W . 6.46 16.03 0.74
O5B 6FA W . 8.34 14.71 1.51
C5B 6FA W . 9.14 13.89 2.27
C4B 6FA W . 10.16 13.08 1.52
O4B 6FA W . 11.07 12.47 2.33
C3B 6FA W . 9.84 12.23 0.44
O3B 6FA W . 10.27 12.53 -0.79
C2B 6FA W . 10.16 10.95 0.89
O2B 6FA W . 10.32 9.94 0.04
C1B 6FA W . 11.16 11.10 1.89
N9A 6FA W . 11.44 10.20 2.94
C8A 6FA W . 10.46 9.82 3.76
N7A 6FA W . 10.97 9.01 4.68
C5X 6FA W . 12.28 8.88 4.42
C6A 6FA W . 13.32 8.09 5.08
N6A 6FA W . 13.06 7.28 6.14
N1A 6FA W . 14.53 8.18 4.54
C2A 6FA W . 14.76 8.95 3.41
N3A 6FA W . 13.82 9.72 2.83
C4X 6FA W . 12.59 9.69 3.28
UNK UNX X . 6.99 -0.13 -7.28
#